data_3U0O
#
_entry.id   3U0O
#
_cell.length_a   102.347
_cell.length_b   102.347
_cell.length_c   140.669
_cell.angle_alpha   90.00
_cell.angle_beta   90.00
_cell.angle_gamma   120.00
#
_symmetry.space_group_name_H-M   'P 32 2 1'
#
loop_
_entity.id
_entity.type
_entity.pdbx_description
1 polymer 'Selenide, water dikinase'
2 non-polymer 'MAGNESIUM ION'
3 water water
#
_entity_poly.entity_id   1
_entity_poly.type   'polypeptide(L)'
_entity_poly.pdbx_seq_one_letter_code
;MSENSIRLTQYSHGAGCGCKISPKVLETILHSEQAKFVDPNLLVGNETRDDAAVYDLGNGTSVISTTDFFMPIVDNPFDF
GRIAATNAISDIFAMGGKPIMAIAILGWPINKLSPEIAREVTEGGRYACRQAGIALAGGHSIDAPEPIFGLAVTGIVPTE
RVKKNSTAQAGCKLFLTKPLGIGVLTTAEKKSLLKPEHQGLATEVMCRMNIAGASFANIEGVKAMTDVTGFGLLGHLSEM
CQGAGVQARVDYEAIPKLPGVEEYIKLGAVPGGTERNFASYGHLMGEMPREVRDLLCDPQTSGGLLLAVMPEAENEVKAT
AAEFGIELTAIGELVPARGGRAMVEIR
;
_entity_poly.pdbx_strand_id   A,B
#
loop_
_chem_comp.id
_chem_comp.type
_chem_comp.name
_chem_comp.formula
MG non-polymer 'MAGNESIUM ION' 'Mg 2'
#
# COMPACT_ATOMS: atom_id res chain seq x y z
N ILE A 29 -4.48 12.42 15.72
CA ILE A 29 -4.34 11.06 16.21
C ILE A 29 -2.92 10.52 15.99
N LEU A 30 -2.58 10.31 14.73
CA LEU A 30 -1.43 9.48 14.38
C LEU A 30 -0.11 10.25 14.51
N HIS A 31 0.19 11.18 13.59
CA HIS A 31 1.40 12.00 13.69
C HIS A 31 2.70 11.17 13.59
N SER A 32 2.55 9.85 13.47
CA SER A 32 3.64 8.87 13.66
C SER A 32 4.77 8.92 12.63
N GLU A 33 4.60 9.75 11.60
CA GLU A 33 5.62 9.94 10.58
C GLU A 33 6.15 11.37 10.70
N GLN A 34 7.32 11.66 10.14
CA GLN A 34 8.05 12.83 10.51
C GLN A 34 7.84 12.78 11.99
N ALA A 35 8.89 12.52 12.76
CA ALA A 35 10.18 12.13 12.26
C ALA A 35 11.20 12.96 13.01
N LYS A 36 12.47 12.74 12.70
CA LYS A 36 13.57 13.51 13.24
C LYS A 36 14.74 13.32 12.29
N PHE A 37 14.96 14.27 11.39
CA PHE A 37 16.00 14.08 10.39
C PHE A 37 15.41 14.21 9.01
N VAL A 38 15.85 13.36 8.08
CA VAL A 38 15.19 13.27 6.80
C VAL A 38 16.08 13.08 5.59
N ASP A 39 15.46 12.67 4.48
CA ASP A 39 16.09 12.43 3.21
C ASP A 39 15.34 13.37 2.24
N PRO A 40 15.80 13.61 1.00
CA PRO A 40 15.07 14.52 0.11
C PRO A 40 14.70 14.04 -1.32
N ASN A 41 14.51 14.99 -2.23
CA ASN A 41 13.84 14.84 -3.51
C ASN A 41 14.10 13.57 -4.30
N LEU A 42 13.54 13.48 -5.51
CA LEU A 42 12.69 14.48 -6.16
C LEU A 42 11.25 14.34 -5.78
N LEU A 43 11.01 14.08 -4.53
CA LEU A 43 9.73 13.90 -3.95
C LEU A 43 9.12 15.25 -3.92
N VAL A 44 7.96 15.41 -4.51
CA VAL A 44 7.33 16.71 -4.59
C VAL A 44 6.30 16.91 -3.47
N GLY A 45 5.15 16.23 -3.52
CA GLY A 45 4.37 16.12 -2.29
C GLY A 45 5.04 15.13 -1.36
N ASN A 46 5.69 15.67 -0.33
CA ASN A 46 5.93 15.11 1.01
C ASN A 46 7.13 15.88 1.61
N GLU A 47 7.30 15.88 2.93
CA GLU A 47 6.33 15.38 3.87
C GLU A 47 5.85 16.52 4.77
N THR A 48 4.62 16.97 4.57
CA THR A 48 3.98 17.74 5.62
C THR A 48 2.68 17.03 5.96
N ARG A 49 1.62 17.35 5.23
CA ARG A 49 0.61 16.39 4.84
C ARG A 49 0.00 16.86 3.53
N ASP A 50 0.12 16.07 2.46
CA ASP A 50 -0.82 16.27 1.35
C ASP A 50 -1.55 14.95 1.24
N ASP A 51 -2.53 14.87 0.35
CA ASP A 51 -3.34 13.68 0.27
C ASP A 51 -2.50 12.49 -0.19
N ALA A 52 -1.48 12.72 -1.01
CA ALA A 52 -0.71 11.66 -1.65
C ALA A 52 0.77 12.02 -1.92
N ALA A 53 1.62 11.01 -1.97
CA ALA A 53 3.03 11.19 -2.36
C ALA A 53 3.18 11.40 -3.86
N VAL A 54 3.97 12.39 -4.29
CA VAL A 54 4.26 12.52 -5.73
C VAL A 54 5.75 12.63 -6.03
N TYR A 55 6.19 11.91 -7.06
CA TYR A 55 7.61 11.88 -7.38
C TYR A 55 7.81 12.34 -8.82
N ASP A 56 8.82 13.19 -9.03
CA ASP A 56 9.09 13.77 -10.35
C ASP A 56 10.12 12.94 -11.10
N LEU A 57 9.71 12.32 -12.21
CA LEU A 57 10.68 11.82 -13.16
C LEU A 57 10.96 13.07 -13.97
N GLY A 58 12.21 13.30 -14.36
CA GLY A 58 12.56 14.57 -14.97
C GLY A 58 12.02 14.77 -16.38
N ASN A 59 11.16 13.86 -16.80
CA ASN A 59 10.64 13.82 -18.18
C ASN A 59 9.31 14.53 -18.41
N GLY A 60 8.84 15.27 -17.42
CA GLY A 60 7.62 16.07 -17.56
C GLY A 60 6.45 15.35 -16.93
N THR A 61 6.73 14.17 -16.40
CA THR A 61 5.74 13.28 -15.82
C THR A 61 6.07 12.99 -14.35
N SER A 62 5.07 13.09 -13.49
CA SER A 62 5.21 12.71 -12.10
C SER A 62 4.28 11.54 -11.72
N VAL A 63 4.73 10.73 -10.79
CA VAL A 63 4.00 9.55 -10.37
C VAL A 63 3.42 9.78 -8.97
N ILE A 64 2.18 9.38 -8.77
CA ILE A 64 1.48 9.61 -7.53
C ILE A 64 1.19 8.28 -6.84
N SER A 65 1.47 8.19 -5.55
CA SER A 65 1.11 7.00 -4.79
C SER A 65 0.28 7.43 -3.58
N THR A 66 -0.78 6.69 -3.31
CA THR A 66 -1.60 6.93 -2.13
C THR A 66 -2.19 5.62 -1.61
N THR A 67 -2.48 5.56 -0.32
CA THR A 67 -3.16 4.40 0.20
C THR A 67 -4.23 4.80 1.19
N ASP A 68 -5.29 4.01 1.22
CA ASP A 68 -6.31 4.21 2.24
C ASP A 68 -6.99 2.88 2.52
N PHE A 69 -7.38 2.64 3.76
CA PHE A 69 -8.09 1.41 4.11
C PHE A 69 -8.97 1.57 5.35
N PHE A 70 -10.01 0.76 5.45
CA PHE A 70 -11.03 0.95 6.48
C PHE A 70 -11.55 -0.34 7.10
N MET A 71 -12.17 -0.20 8.26
CA MET A 71 -13.02 -1.23 8.83
C MET A 71 -14.36 -0.97 8.17
N PRO A 72 -15.27 -1.98 8.17
CA PRO A 72 -16.51 -1.85 7.39
C PRO A 72 -17.38 -0.67 7.79
N ILE A 73 -17.72 0.16 6.81
CA ILE A 73 -18.57 1.32 7.10
C ILE A 73 -20.03 1.12 6.71
N VAL A 74 -20.34 -0.02 6.10
CA VAL A 74 -21.73 -0.39 5.85
C VAL A 74 -21.91 -1.87 6.12
N ASP A 75 -23.15 -2.34 6.02
CA ASP A 75 -23.45 -3.76 6.14
C ASP A 75 -23.08 -4.50 4.86
N ASN A 76 -23.56 -3.99 3.73
CA ASN A 76 -23.33 -4.61 2.43
C ASN A 76 -21.84 -4.75 2.10
N PRO A 77 -21.38 -6.00 1.93
CA PRO A 77 -19.96 -6.23 1.64
C PRO A 77 -19.53 -5.56 0.35
N PHE A 78 -20.32 -5.76 -0.70
CA PHE A 78 -19.98 -5.26 -2.03
C PHE A 78 -19.86 -3.75 -2.00
N ASP A 79 -20.89 -3.09 -1.47
CA ASP A 79 -20.85 -1.64 -1.32
C ASP A 79 -19.72 -1.14 -0.40
N PHE A 80 -19.33 -1.93 0.59
CA PHE A 80 -18.21 -1.55 1.44
C PHE A 80 -16.93 -1.55 0.61
N GLY A 81 -16.75 -2.57 -0.22
CA GLY A 81 -15.62 -2.62 -1.13
C GLY A 81 -15.62 -1.43 -2.07
N ARG A 82 -16.77 -1.23 -2.73
CA ARG A 82 -16.95 -0.10 -3.64
C ARG A 82 -16.50 1.20 -2.98
N ILE A 83 -17.01 1.43 -1.77
CA ILE A 83 -16.77 2.69 -1.07
C ILE A 83 -15.31 2.89 -0.66
N ALA A 84 -14.72 1.88 -0.01
CA ALA A 84 -13.32 1.98 0.41
C ALA A 84 -12.40 2.27 -0.79
N ALA A 85 -12.73 1.68 -1.93
CA ALA A 85 -11.93 1.84 -3.13
C ALA A 85 -12.09 3.24 -3.69
N THR A 86 -13.33 3.69 -3.78
CA THR A 86 -13.60 5.05 -4.25
C THR A 86 -12.81 6.05 -3.43
N ASN A 87 -12.92 5.92 -2.12
CA ASN A 87 -12.18 6.77 -1.19
C ASN A 87 -10.67 6.76 -1.41
N ALA A 88 -10.09 5.58 -1.57
CA ALA A 88 -8.66 5.47 -1.86
C ALA A 88 -8.22 6.14 -3.18
N ILE A 89 -8.99 5.93 -4.26
CA ILE A 89 -8.65 6.51 -5.56
C ILE A 89 -8.82 8.06 -5.58
N SER A 90 -9.71 8.50 -4.70
CA SER A 90 -10.05 9.91 -4.60
C SER A 90 -8.80 10.78 -4.46
N ASP A 91 -7.84 10.35 -3.64
CA ASP A 91 -6.61 11.12 -3.42
C ASP A 91 -5.75 11.34 -4.68
N ILE A 92 -5.71 10.35 -5.58
CA ILE A 92 -5.09 10.55 -6.89
C ILE A 92 -5.84 11.66 -7.59
N PHE A 93 -7.17 11.59 -7.57
CA PHE A 93 -7.84 12.69 -8.25
C PHE A 93 -7.65 14.06 -7.54
N ALA A 94 -7.42 14.05 -6.23
CA ALA A 94 -7.30 15.30 -5.49
C ALA A 94 -6.00 15.98 -5.87
N MET A 95 -5.02 15.18 -6.26
CA MET A 95 -3.75 15.70 -6.72
C MET A 95 -3.84 16.14 -8.18
N GLY A 96 -4.98 15.85 -8.79
CA GLY A 96 -5.18 16.14 -10.19
C GLY A 96 -4.58 15.06 -11.09
N GLY A 97 -4.36 13.87 -10.55
CA GLY A 97 -3.77 12.79 -11.31
C GLY A 97 -4.77 11.86 -11.98
N LYS A 98 -4.24 10.99 -12.84
CA LYS A 98 -5.03 9.93 -13.46
C LYS A 98 -4.61 8.60 -12.84
N PRO A 99 -5.54 7.87 -12.26
CA PRO A 99 -5.20 6.55 -11.70
C PRO A 99 -4.75 5.61 -12.82
N ILE A 100 -3.70 4.85 -12.55
CA ILE A 100 -3.20 3.81 -13.46
C ILE A 100 -3.33 2.42 -12.83
N MET A 101 -2.84 2.27 -11.59
CA MET A 101 -2.98 0.98 -10.92
C MET A 101 -3.66 1.03 -9.56
N ALA A 102 -4.20 -0.10 -9.16
CA ALA A 102 -4.59 -0.32 -7.77
C ALA A 102 -4.27 -1.75 -7.33
N ILE A 103 -3.90 -1.89 -6.07
CA ILE A 103 -3.53 -3.17 -5.48
C ILE A 103 -4.29 -3.27 -4.17
N ALA A 104 -4.84 -4.43 -3.86
CA ALA A 104 -5.66 -4.56 -2.65
C ALA A 104 -4.92 -4.64 -1.32
N ILE A 105 -5.53 -4.02 -0.32
CA ILE A 105 -5.14 -4.18 1.06
C ILE A 105 -6.31 -4.82 1.81
N LEU A 106 -6.08 -6.03 2.32
CA LEU A 106 -7.15 -6.81 2.92
C LEU A 106 -6.69 -7.55 4.14
N GLY A 107 -7.51 -7.54 5.18
CA GLY A 107 -7.27 -8.44 6.29
C GLY A 107 -8.64 -8.86 6.76
N TRP A 108 -8.72 -10.11 7.20
CA TRP A 108 -10.01 -10.75 7.32
C TRP A 108 -10.02 -11.83 8.39
N PRO A 109 -11.08 -11.87 9.19
CA PRO A 109 -11.13 -12.89 10.23
C PRO A 109 -11.57 -14.21 9.64
N ILE A 110 -10.63 -14.94 9.04
CA ILE A 110 -10.98 -16.16 8.29
C ILE A 110 -11.75 -17.21 9.11
N ASN A 111 -11.59 -17.18 10.43
CA ASN A 111 -12.32 -18.09 11.31
C ASN A 111 -13.65 -17.49 11.79
N LYS A 112 -13.96 -16.30 11.31
CA LYS A 112 -15.15 -15.59 11.75
C LYS A 112 -16.10 -15.34 10.58
N LEU A 113 -15.61 -14.61 9.56
CA LEU A 113 -16.40 -14.31 8.38
C LEU A 113 -15.96 -15.14 7.16
N SER A 114 -16.92 -15.45 6.30
CA SER A 114 -16.66 -16.27 5.12
C SER A 114 -15.83 -15.56 4.05
N PRO A 115 -14.91 -16.31 3.43
CA PRO A 115 -14.15 -15.94 2.22
C PRO A 115 -15.06 -15.44 1.09
N GLU A 116 -16.31 -15.90 1.04
CA GLU A 116 -17.22 -15.43 0.00
C GLU A 116 -17.65 -14.00 0.24
N ILE A 117 -17.80 -13.65 1.52
CA ILE A 117 -18.02 -12.25 1.88
C ILE A 117 -16.80 -11.44 1.42
N ALA A 118 -15.60 -11.94 1.71
CA ALA A 118 -14.37 -11.30 1.27
C ALA A 118 -14.34 -11.06 -0.24
N ARG A 119 -14.70 -12.09 -1.02
CA ARG A 119 -14.73 -11.94 -2.47
C ARG A 119 -15.77 -10.90 -2.86
N GLU A 120 -16.82 -10.76 -2.05
CA GLU A 120 -17.82 -9.74 -2.36
C GLU A 120 -17.28 -8.32 -2.13
N VAL A 121 -16.58 -8.13 -1.02
CA VAL A 121 -15.96 -6.82 -0.78
C VAL A 121 -14.96 -6.52 -1.90
N THR A 122 -14.06 -7.45 -2.14
CA THR A 122 -13.09 -7.34 -3.23
C THR A 122 -13.75 -6.98 -4.53
N GLU A 123 -14.90 -7.59 -4.81
CA GLU A 123 -15.62 -7.34 -6.04
C GLU A 123 -16.14 -5.91 -6.10
N GLY A 124 -16.61 -5.40 -4.95
CA GLY A 124 -16.92 -4.00 -4.83
C GLY A 124 -15.72 -3.14 -5.21
N GLY A 125 -14.56 -3.54 -4.71
CA GLY A 125 -13.31 -2.83 -4.99
C GLY A 125 -12.95 -2.83 -6.47
N ARG A 126 -13.06 -3.99 -7.11
CA ARG A 126 -12.77 -4.15 -8.53
C ARG A 126 -13.71 -3.32 -9.38
N TYR A 127 -14.96 -3.21 -8.92
CA TYR A 127 -15.96 -2.49 -9.67
C TYR A 127 -15.65 -0.99 -9.61
N ALA A 128 -15.43 -0.48 -8.41
CA ALA A 128 -14.99 0.92 -8.24
C ALA A 128 -13.73 1.20 -9.09
N CYS A 129 -12.75 0.31 -8.99
CA CYS A 129 -11.54 0.45 -9.79
C CYS A 129 -11.88 0.59 -11.27
N ARG A 130 -12.78 -0.26 -11.76
CA ARG A 130 -13.21 -0.16 -13.15
C ARG A 130 -13.84 1.20 -13.46
N GLN A 131 -14.59 1.74 -12.49
CA GLN A 131 -15.17 3.07 -12.64
C GLN A 131 -14.10 4.17 -12.72
N ALA A 132 -12.92 3.91 -12.18
CA ALA A 132 -11.80 4.85 -12.37
C ALA A 132 -10.97 4.53 -13.62
N GLY A 133 -11.41 3.54 -14.39
CA GLY A 133 -10.70 3.09 -15.57
C GLY A 133 -9.45 2.26 -15.30
N ILE A 134 -9.39 1.59 -14.15
CA ILE A 134 -8.23 0.76 -13.83
C ILE A 134 -8.61 -0.62 -13.36
N ALA A 135 -7.65 -1.53 -13.45
CA ALA A 135 -7.79 -2.86 -12.87
C ALA A 135 -7.45 -2.85 -11.41
N LEU A 136 -8.04 -3.78 -10.68
CA LEU A 136 -7.60 -4.08 -9.34
C LEU A 136 -6.60 -5.19 -9.49
N ALA A 137 -5.32 -4.92 -9.26
CA ALA A 137 -4.33 -5.93 -9.57
C ALA A 137 -3.75 -6.62 -8.33
N GLY A 138 -4.26 -7.80 -8.02
CA GLY A 138 -3.80 -8.53 -6.85
C GLY A 138 -3.80 -7.66 -5.61
N GLY A 139 -2.81 -7.86 -4.76
CA GLY A 139 -2.76 -7.19 -3.48
C GLY A 139 -2.05 -8.01 -2.44
N HIS A 140 -2.33 -7.69 -1.19
CA HIS A 140 -1.81 -8.48 -0.09
C HIS A 140 -2.91 -8.70 0.93
N SER A 141 -2.88 -9.86 1.57
CA SER A 141 -3.93 -10.17 2.51
C SER A 141 -3.33 -10.77 3.75
N ILE A 142 -3.98 -10.56 4.88
CA ILE A 142 -3.63 -11.27 6.12
C ILE A 142 -4.89 -11.68 6.89
N ASP A 143 -4.73 -12.59 7.84
CA ASP A 143 -5.78 -12.86 8.80
C ASP A 143 -5.77 -11.75 9.87
N ALA A 144 -6.90 -11.04 10.03
CA ALA A 144 -6.99 -10.03 11.06
C ALA A 144 -8.31 -10.19 11.78
N PRO A 145 -8.31 -10.04 13.10
CA PRO A 145 -9.48 -10.20 13.97
C PRO A 145 -10.67 -9.34 13.53
N GLU A 146 -10.38 -8.18 12.93
CA GLU A 146 -11.42 -7.34 12.37
C GLU A 146 -11.17 -7.14 10.88
N PRO A 147 -12.25 -7.10 10.09
CA PRO A 147 -12.14 -6.88 8.64
C PRO A 147 -11.54 -5.51 8.32
N ILE A 148 -10.57 -5.48 7.42
CA ILE A 148 -10.00 -4.25 6.90
C ILE A 148 -9.84 -4.35 5.39
N PHE A 149 -10.35 -3.36 4.66
CA PHE A 149 -10.13 -3.32 3.22
C PHE A 149 -9.84 -1.93 2.72
N GLY A 150 -8.92 -1.84 1.76
CA GLY A 150 -8.63 -0.60 1.07
C GLY A 150 -7.74 -0.86 -0.12
N LEU A 151 -7.15 0.20 -0.64
CA LEU A 151 -6.26 0.09 -1.78
C LEU A 151 -4.95 0.85 -1.58
N ALA A 152 -3.92 0.38 -2.30
CA ALA A 152 -2.76 1.19 -2.63
C ALA A 152 -2.88 1.51 -4.10
N VAL A 153 -2.95 2.80 -4.40
CA VAL A 153 -3.20 3.20 -5.77
C VAL A 153 -2.15 4.15 -6.33
N THR A 154 -1.91 4.01 -7.62
CA THR A 154 -0.86 4.70 -8.32
C THR A 154 -1.50 5.46 -9.45
N GLY A 155 -0.97 6.66 -9.69
CA GLY A 155 -1.52 7.59 -10.64
C GLY A 155 -0.38 8.34 -11.30
N ILE A 156 -0.70 9.17 -12.28
CA ILE A 156 0.31 9.93 -12.99
C ILE A 156 -0.26 11.28 -13.33
N VAL A 157 0.61 12.27 -13.36
CA VAL A 157 0.20 13.62 -13.78
C VAL A 157 1.37 14.31 -14.46
N PRO A 158 1.11 15.15 -15.48
CA PRO A 158 2.24 15.97 -15.92
C PRO A 158 2.71 16.84 -14.76
N THR A 159 4.02 16.98 -14.62
CA THR A 159 4.61 17.59 -13.45
C THR A 159 4.07 18.98 -13.14
N GLU A 160 4.04 19.84 -14.15
CA GLU A 160 3.63 21.23 -13.94
C GLU A 160 2.12 21.34 -13.69
N ARG A 161 1.39 20.24 -13.81
CA ARG A 161 -0.05 20.26 -13.56
C ARG A 161 -0.51 19.74 -12.19
N VAL A 162 0.43 19.32 -11.34
CA VAL A 162 0.10 18.89 -9.97
C VAL A 162 -0.73 19.95 -9.22
N LYS A 163 -1.77 19.53 -8.51
CA LYS A 163 -2.56 20.45 -7.72
C LYS A 163 -2.51 20.07 -6.25
N LYS A 164 -1.63 20.73 -5.52
CA LYS A 164 -1.47 20.45 -4.10
C LYS A 164 -2.64 21.04 -3.31
N ASN A 165 -2.80 20.58 -2.07
CA ASN A 165 -3.79 21.20 -1.19
C ASN A 165 -3.30 22.51 -0.55
N SER A 166 -2.01 22.80 -0.63
CA SER A 166 -1.41 23.93 0.08
C SER A 166 -1.10 25.21 -0.71
N THR A 167 -1.37 25.21 -2.00
CA THR A 167 -0.91 26.25 -2.93
C THR A 167 -1.95 27.34 -3.21
N ALA A 168 -3.05 27.34 -2.45
CA ALA A 168 -4.06 28.39 -2.66
C ALA A 168 -3.53 29.81 -2.36
N GLN A 169 -4.17 30.82 -2.94
CA GLN A 169 -3.81 32.22 -2.69
C GLN A 169 -5.04 33.07 -2.49
N ALA A 170 -4.89 34.16 -1.72
CA ALA A 170 -6.01 35.05 -1.48
C ALA A 170 -6.60 35.55 -2.81
N GLY A 171 -7.92 35.65 -2.85
CA GLY A 171 -8.63 35.98 -4.06
C GLY A 171 -9.35 34.78 -4.63
N CYS A 172 -8.96 33.57 -4.25
CA CYS A 172 -9.62 32.36 -4.78
C CYS A 172 -11.07 32.21 -4.32
N LYS A 173 -11.91 31.72 -5.22
CA LYS A 173 -13.25 31.29 -4.87
C LYS A 173 -13.22 29.79 -4.61
N LEU A 174 -14.07 29.34 -3.68
CA LEU A 174 -14.12 27.94 -3.29
C LEU A 174 -15.23 27.14 -3.99
N PHE A 175 -14.93 25.90 -4.36
CA PHE A 175 -15.95 25.03 -4.92
C PHE A 175 -15.94 23.62 -4.30
N LEU A 176 -17.11 22.99 -4.28
CA LEU A 176 -17.28 21.68 -3.69
C LEU A 176 -18.11 20.78 -4.63
N THR A 177 -17.58 19.60 -4.94
CA THR A 177 -18.18 18.77 -5.98
C THR A 177 -19.19 17.72 -5.52
N LYS A 178 -19.27 17.46 -4.22
CA LYS A 178 -20.34 16.62 -3.72
C LYS A 178 -21.06 17.35 -2.60
N PRO A 179 -22.38 17.14 -2.48
CA PRO A 179 -23.16 17.74 -1.39
C PRO A 179 -22.82 17.12 -0.03
N LEU A 180 -22.89 17.93 1.03
CA LEU A 180 -22.62 17.48 2.40
C LEU A 180 -23.75 16.64 3.02
N GLY A 181 -23.42 15.95 4.10
CA GLY A 181 -24.39 15.19 4.87
C GLY A 181 -24.32 13.67 4.90
N ILE A 182 -23.23 13.12 4.40
CA ILE A 182 -23.02 11.67 4.42
C ILE A 182 -23.12 11.05 5.82
N GLY A 183 -22.38 11.59 6.77
CA GLY A 183 -22.38 11.06 8.13
C GLY A 183 -23.76 11.03 8.77
N VAL A 184 -24.54 12.07 8.53
CA VAL A 184 -25.85 12.19 9.14
C VAL A 184 -26.79 11.13 8.60
N LEU A 185 -26.58 10.76 7.33
CA LEU A 185 -27.42 9.76 6.68
C LEU A 185 -27.00 8.36 7.12
N THR A 186 -25.69 8.14 7.22
CA THR A 186 -25.19 6.86 7.71
C THR A 186 -25.71 6.60 9.11
N THR A 187 -25.65 7.62 9.98
CA THR A 187 -26.10 7.41 11.36
C THR A 187 -27.62 7.46 11.52
N ALA A 188 -28.31 8.12 10.60
CA ALA A 188 -29.77 8.11 10.61
C ALA A 188 -30.26 6.73 10.20
N GLU A 189 -29.56 6.09 9.28
CA GLU A 189 -29.88 4.73 8.86
C GLU A 189 -29.52 3.77 9.97
N LYS A 190 -28.41 4.05 10.66
CA LYS A 190 -27.97 3.22 11.78
C LYS A 190 -28.92 3.33 12.97
N LYS A 191 -29.49 4.53 13.16
CA LYS A 191 -30.38 4.80 14.29
C LYS A 191 -31.86 4.59 13.93
N SER A 192 -32.10 4.10 12.72
CA SER A 192 -33.46 3.84 12.21
C SER A 192 -34.29 5.11 12.07
N LEU A 193 -33.61 6.24 11.88
CA LEU A 193 -34.28 7.52 11.67
C LEU A 193 -34.40 7.92 10.19
N LEU A 194 -33.93 7.05 9.29
CA LEU A 194 -33.90 7.39 7.86
C LEU A 194 -35.27 7.23 7.18
N LYS A 195 -35.77 8.34 6.63
CA LYS A 195 -37.03 8.33 5.87
C LYS A 195 -36.88 7.46 4.62
N PRO A 196 -37.98 6.78 4.21
CA PRO A 196 -37.97 5.83 3.09
C PRO A 196 -37.57 6.48 1.76
N GLU A 197 -37.92 7.75 1.58
CA GLU A 197 -37.54 8.49 0.39
C GLU A 197 -36.00 8.54 0.23
N HIS A 198 -35.27 8.42 1.33
CA HIS A 198 -33.81 8.60 1.33
C HIS A 198 -32.97 7.32 1.22
N GLN A 199 -33.62 6.18 1.01
CA GLN A 199 -32.93 4.88 1.02
C GLN A 199 -31.75 4.79 0.03
N GLY A 200 -30.57 4.46 0.56
CA GLY A 200 -29.38 4.25 -0.25
C GLY A 200 -28.74 5.47 -0.92
N LEU A 201 -29.16 6.67 -0.55
CA LEU A 201 -28.60 7.88 -1.16
C LEU A 201 -27.13 8.06 -0.80
N ALA A 202 -26.84 7.88 0.49
CA ALA A 202 -25.48 8.04 1.01
C ALA A 202 -24.51 7.16 0.25
N THR A 203 -24.92 5.92 0.00
CA THR A 203 -24.05 4.99 -0.72
C THR A 203 -23.78 5.46 -2.16
N GLU A 204 -24.81 5.94 -2.86
CA GLU A 204 -24.62 6.38 -4.23
C GLU A 204 -23.71 7.60 -4.29
N VAL A 205 -23.93 8.53 -3.35
CA VAL A 205 -23.07 9.71 -3.24
C VAL A 205 -21.63 9.33 -2.98
N MET A 206 -21.42 8.43 -2.03
CA MET A 206 -20.09 7.95 -1.69
C MET A 206 -19.41 7.31 -2.89
N CYS A 207 -20.17 6.59 -3.69
CA CYS A 207 -19.62 5.83 -4.80
C CYS A 207 -19.41 6.65 -6.08
N ARG A 208 -19.83 7.92 -6.06
CA ARG A 208 -19.49 8.83 -7.15
C ARG A 208 -17.98 9.07 -7.20
N MET A 209 -17.36 8.80 -8.37
CA MET A 209 -15.92 8.93 -8.49
C MET A 209 -15.51 10.38 -8.75
N ASN A 210 -14.42 10.81 -8.14
CA ASN A 210 -13.95 12.20 -8.18
C ASN A 210 -13.18 12.50 -9.46
N ILE A 211 -13.51 11.75 -10.52
CA ILE A 211 -12.80 11.78 -11.80
C ILE A 211 -12.54 13.18 -12.36
N ALA A 212 -13.47 14.12 -12.14
CA ALA A 212 -13.31 15.51 -12.60
C ALA A 212 -11.97 16.13 -12.21
N GLY A 213 -11.40 15.66 -11.09
CA GLY A 213 -10.10 16.13 -10.61
C GLY A 213 -9.04 16.14 -11.69
N ALA A 214 -8.97 15.04 -12.43
CA ALA A 214 -7.99 14.88 -13.51
C ALA A 214 -8.14 15.93 -14.62
N SER A 215 -9.36 16.42 -14.84
CA SER A 215 -9.56 17.54 -15.74
C SER A 215 -9.26 18.93 -15.10
N PHE A 216 -9.56 19.10 -13.81
CA PHE A 216 -9.32 20.40 -13.18
C PHE A 216 -7.82 20.70 -13.20
N ALA A 217 -7.04 19.63 -13.18
CA ALA A 217 -5.58 19.71 -13.23
C ALA A 217 -5.10 20.47 -14.46
N ASN A 218 -5.93 20.53 -15.50
CA ASN A 218 -5.54 21.19 -16.74
C ASN A 218 -5.78 22.69 -16.70
N ILE A 219 -6.34 23.18 -15.60
CA ILE A 219 -6.69 24.58 -15.50
C ILE A 219 -5.63 25.30 -14.67
N GLU A 220 -4.90 26.20 -15.34
CA GLU A 220 -3.81 26.94 -14.71
C GLU A 220 -4.31 27.74 -13.49
N GLY A 221 -5.53 28.24 -13.59
CA GLY A 221 -6.13 29.03 -12.54
C GLY A 221 -6.70 28.25 -11.37
N VAL A 222 -6.62 26.92 -11.42
CA VAL A 222 -7.03 26.17 -10.24
C VAL A 222 -5.77 26.14 -9.40
N LYS A 223 -5.80 26.87 -8.28
CA LYS A 223 -4.62 27.06 -7.47
C LYS A 223 -4.42 25.90 -6.52
N ALA A 224 -5.52 25.36 -6.02
CA ALA A 224 -5.38 24.29 -5.05
C ALA A 224 -6.55 23.35 -5.07
N MET A 225 -6.32 22.10 -4.68
CA MET A 225 -7.40 21.14 -4.71
C MET A 225 -7.18 20.04 -3.69
N THR A 226 -8.27 19.61 -3.05
CA THR A 226 -8.17 18.51 -2.11
C THR A 226 -9.48 17.72 -2.10
N ASP A 227 -9.59 16.68 -1.29
CA ASP A 227 -10.90 16.05 -1.15
C ASP A 227 -11.42 16.12 0.28
N VAL A 228 -12.73 16.22 0.42
CA VAL A 228 -13.33 16.34 1.74
C VAL A 228 -13.63 14.94 2.21
N THR A 229 -12.90 14.50 3.22
CA THR A 229 -13.16 13.17 3.76
C THR A 229 -13.11 13.11 5.26
N GLY A 230 -14.25 13.00 5.90
CA GLY A 230 -14.25 12.60 7.30
C GLY A 230 -13.64 13.58 8.32
N PHE A 231 -12.82 14.51 7.86
CA PHE A 231 -12.26 15.52 8.77
C PHE A 231 -13.27 16.66 8.71
N GLY A 232 -14.23 16.48 7.81
CA GLY A 232 -15.29 17.44 7.60
C GLY A 232 -14.82 18.55 6.69
N LEU A 233 -15.81 19.14 6.01
CA LEU A 233 -15.54 20.25 5.11
C LEU A 233 -14.67 21.31 5.76
N LEU A 234 -15.01 21.68 7.00
CA LEU A 234 -14.28 22.71 7.73
C LEU A 234 -12.86 22.31 8.07
N GLY A 235 -12.67 21.02 8.34
CA GLY A 235 -11.35 20.51 8.66
C GLY A 235 -10.44 20.62 7.45
N HIS A 236 -10.95 20.17 6.31
CA HIS A 236 -10.12 20.15 5.10
C HIS A 236 -9.88 21.57 4.59
N LEU A 237 -10.88 22.41 4.80
CA LEU A 237 -10.78 23.83 4.48
C LEU A 237 -9.70 24.48 5.34
N SER A 238 -9.72 24.17 6.64
CA SER A 238 -8.68 24.63 7.57
C SER A 238 -7.31 24.21 7.09
N GLU A 239 -7.18 22.96 6.63
CA GLU A 239 -5.90 22.51 6.05
C GLU A 239 -5.49 23.38 4.86
N MET A 240 -6.44 23.73 4.00
CA MET A 240 -6.12 24.65 2.91
C MET A 240 -5.59 26.01 3.40
N CYS A 241 -6.26 26.55 4.42
CA CYS A 241 -5.88 27.87 4.97
C CYS A 241 -4.52 27.88 5.68
N GLN A 242 -4.35 26.97 6.64
CA GLN A 242 -3.05 26.73 7.26
C GLN A 242 -1.99 26.61 6.18
N GLY A 243 -2.16 25.64 5.29
CA GLY A 243 -1.22 25.39 4.22
C GLY A 243 -0.84 26.64 3.44
N ALA A 244 -1.81 27.48 3.12
CA ALA A 244 -1.55 28.66 2.29
C ALA A 244 -1.34 29.98 3.03
N GLY A 245 -1.54 29.98 4.35
CA GLY A 245 -1.42 31.20 5.12
C GLY A 245 -2.50 32.24 4.85
N VAL A 246 -3.69 31.77 4.52
CA VAL A 246 -4.81 32.67 4.23
C VAL A 246 -6.01 32.33 5.11
N GLN A 247 -7.11 33.05 4.92
CA GLN A 247 -8.32 32.77 5.68
C GLN A 247 -9.52 32.58 4.76
N ALA A 248 -10.60 32.00 5.28
CA ALA A 248 -11.75 31.74 4.41
C ALA A 248 -13.06 32.34 4.93
N ARG A 249 -13.95 32.67 4.00
CA ARG A 249 -15.28 33.11 4.38
C ARG A 249 -16.26 32.25 3.61
N VAL A 250 -17.12 31.53 4.32
CA VAL A 250 -18.08 30.65 3.66
C VAL A 250 -19.53 31.09 3.87
N ASP A 251 -20.34 30.86 2.84
CA ASP A 251 -21.77 31.15 2.87
C ASP A 251 -22.55 29.86 3.07
N TYR A 252 -23.13 29.70 4.25
CA TYR A 252 -23.81 28.46 4.62
C TYR A 252 -24.90 28.05 3.66
N GLU A 253 -25.67 29.03 3.16
CA GLU A 253 -26.72 28.71 2.21
C GLU A 253 -26.15 28.05 0.94
N ALA A 254 -25.09 28.64 0.40
CA ALA A 254 -24.52 28.23 -0.88
C ALA A 254 -23.93 26.83 -0.90
N ILE A 255 -23.70 26.26 0.28
CA ILE A 255 -23.09 24.95 0.39
C ILE A 255 -24.09 23.85 0.07
N PRO A 256 -23.76 22.99 -0.91
CA PRO A 256 -24.65 21.91 -1.35
C PRO A 256 -24.84 20.91 -0.22
N LYS A 257 -26.09 20.58 0.09
CA LYS A 257 -26.38 19.67 1.16
C LYS A 257 -27.25 18.53 0.64
N LEU A 258 -27.15 17.37 1.28
CA LEU A 258 -27.97 16.23 0.89
C LEU A 258 -29.39 16.41 1.39
N PRO A 259 -30.38 15.91 0.63
CA PRO A 259 -31.78 16.09 1.00
C PRO A 259 -32.10 15.61 2.42
N GLY A 260 -32.73 16.48 3.20
CA GLY A 260 -33.09 16.17 4.58
C GLY A 260 -31.90 15.97 5.49
N VAL A 261 -30.73 16.45 5.07
CA VAL A 261 -29.56 16.39 5.95
C VAL A 261 -29.71 17.43 7.04
N GLU A 262 -30.27 18.58 6.68
CA GLU A 262 -30.54 19.64 7.64
C GLU A 262 -31.57 19.17 8.67
N GLU A 263 -32.66 18.62 8.15
CA GLU A 263 -33.75 18.12 9.00
C GLU A 263 -33.29 16.94 9.84
N TYR A 264 -32.46 16.07 9.26
CA TYR A 264 -31.95 14.93 10.00
C TYR A 264 -30.93 15.36 11.06
N ILE A 265 -30.25 16.48 10.83
CA ILE A 265 -29.34 17.02 11.83
C ILE A 265 -30.12 17.56 13.03
N LYS A 266 -31.26 18.17 12.78
CA LYS A 266 -32.18 18.55 13.86
C LYS A 266 -32.77 17.26 14.40
N LEU A 267 -32.57 17.03 15.69
CA LEU A 267 -32.74 15.69 16.28
C LEU A 267 -31.85 14.67 15.55
N GLY A 268 -30.57 14.99 15.43
CA GLY A 268 -29.58 14.14 14.79
C GLY A 268 -29.46 12.78 15.44
N ALA A 269 -28.90 11.76 14.79
CA ALA A 269 -28.24 11.78 13.45
C ALA A 269 -27.00 12.67 13.32
N VAL A 270 -26.28 12.84 14.43
CA VAL A 270 -25.02 13.56 14.42
C VAL A 270 -23.90 12.67 14.96
N PRO A 271 -23.20 11.95 14.05
CA PRO A 271 -22.20 10.93 14.40
C PRO A 271 -21.10 11.44 15.36
N GLY A 272 -20.51 10.51 16.11
CA GLY A 272 -19.55 10.83 17.14
C GLY A 272 -18.24 11.40 16.62
N GLY A 273 -17.94 11.11 15.36
CA GLY A 273 -16.74 11.64 14.73
C GLY A 273 -16.81 13.14 14.54
N THR A 274 -18.04 13.66 14.42
CA THR A 274 -18.26 15.10 14.25
C THR A 274 -17.71 15.93 15.41
N GLU A 275 -18.00 15.49 16.64
CA GLU A 275 -17.51 16.21 17.82
C GLU A 275 -15.99 16.08 17.95
N ARG A 276 -15.44 15.00 17.39
CA ARG A 276 -13.99 14.82 17.35
C ARG A 276 -13.39 15.86 16.41
N ASN A 277 -14.03 16.04 15.25
CA ASN A 277 -13.66 17.12 14.33
C ASN A 277 -13.72 18.53 14.96
N PHE A 278 -14.86 18.87 15.57
CA PHE A 278 -15.00 20.20 16.20
C PHE A 278 -14.08 20.38 17.41
N ALA A 279 -13.72 19.29 18.06
CA ALA A 279 -12.67 19.33 19.06
C ALA A 279 -11.33 19.65 18.41
N SER A 280 -11.09 19.10 17.23
CA SER A 280 -9.80 19.31 16.59
C SER A 280 -9.59 20.72 16.00
N TYR A 281 -10.49 21.18 15.15
CA TYR A 281 -10.35 22.53 14.61
C TYR A 281 -11.34 23.60 15.09
N GLY A 282 -12.28 23.23 15.95
CA GLY A 282 -13.35 24.14 16.30
C GLY A 282 -12.91 25.49 16.84
N HIS A 283 -11.73 25.51 17.47
CA HIS A 283 -11.19 26.74 18.03
C HIS A 283 -10.72 27.71 16.94
N LEU A 284 -10.70 27.23 15.69
CA LEU A 284 -10.31 28.05 14.55
C LEU A 284 -11.51 28.62 13.79
N MET A 285 -12.71 28.25 14.20
CA MET A 285 -13.92 28.70 13.49
C MET A 285 -14.72 29.75 14.28
N GLY A 286 -15.45 30.59 13.55
CA GLY A 286 -16.28 31.61 14.17
C GLY A 286 -17.51 30.99 14.80
N GLU A 287 -18.36 31.84 15.40
CA GLU A 287 -19.57 31.36 16.05
C GLU A 287 -20.53 30.78 15.03
N MET A 288 -20.96 29.56 15.27
CA MET A 288 -22.02 28.94 14.48
C MET A 288 -22.88 28.10 15.42
N PRO A 289 -24.21 28.09 15.18
CA PRO A 289 -25.15 27.32 16.01
C PRO A 289 -24.93 25.80 15.91
N ARG A 290 -25.46 25.08 16.90
CA ARG A 290 -25.29 23.63 17.02
C ARG A 290 -25.45 22.89 15.69
N GLU A 291 -26.66 22.94 15.11
CA GLU A 291 -26.99 22.26 13.86
C GLU A 291 -26.04 22.58 12.70
N VAL A 292 -25.79 23.86 12.47
CA VAL A 292 -24.86 24.31 11.45
C VAL A 292 -23.46 23.71 11.65
N ARG A 293 -22.94 23.86 12.86
CA ARG A 293 -21.68 23.25 13.27
C ARG A 293 -21.66 21.77 12.89
N ASP A 294 -22.75 21.08 13.22
CA ASP A 294 -22.81 19.64 13.05
C ASP A 294 -22.84 19.23 11.59
N LEU A 295 -23.44 20.04 10.74
CA LEU A 295 -23.40 19.74 9.30
C LEU A 295 -22.02 20.01 8.74
N LEU A 296 -21.45 21.17 9.08
CA LEU A 296 -20.18 21.56 8.48
C LEU A 296 -18.97 20.76 8.98
N CYS A 297 -19.09 20.13 10.15
CA CYS A 297 -18.03 19.27 10.66
C CYS A 297 -18.27 17.79 10.39
N ASP A 298 -19.39 17.49 9.72
CA ASP A 298 -19.81 16.11 9.51
C ASP A 298 -18.85 15.34 8.61
N PRO A 299 -18.38 14.18 9.06
CA PRO A 299 -17.49 13.33 8.27
C PRO A 299 -18.08 12.99 6.93
N GLN A 300 -17.31 13.16 5.86
CA GLN A 300 -17.75 12.64 4.58
C GLN A 300 -16.80 11.55 4.09
N THR A 301 -17.19 10.29 4.27
CA THR A 301 -16.38 9.23 3.70
C THR A 301 -16.58 9.33 2.20
N SER A 302 -15.47 9.36 1.46
CA SER A 302 -15.50 9.47 0.02
C SER A 302 -16.40 10.63 -0.41
N GLY A 303 -16.00 11.84 -0.07
CA GLY A 303 -16.78 13.02 -0.38
C GLY A 303 -16.24 13.71 -1.60
N GLY A 304 -16.69 14.94 -1.84
CA GLY A 304 -16.34 15.67 -3.05
C GLY A 304 -14.96 16.31 -3.04
N LEU A 305 -14.55 16.81 -4.19
CA LEU A 305 -13.36 17.66 -4.32
C LEU A 305 -13.66 19.08 -3.85
N LEU A 306 -12.70 19.66 -3.13
CA LEU A 306 -12.72 21.05 -2.71
C LEU A 306 -11.64 21.81 -3.47
N LEU A 307 -12.06 22.82 -4.23
CA LEU A 307 -11.17 23.61 -5.09
C LEU A 307 -11.02 25.08 -4.69
N ALA A 308 -9.79 25.58 -4.80
CA ALA A 308 -9.46 27.00 -4.75
C ALA A 308 -9.09 27.47 -6.15
N VAL A 309 -9.93 28.36 -6.69
CA VAL A 309 -9.85 28.84 -8.09
C VAL A 309 -9.81 30.38 -8.27
N MET A 310 -8.80 30.91 -8.96
CA MET A 310 -8.76 32.34 -9.31
C MET A 310 -9.94 32.74 -10.18
N PRO A 311 -10.45 33.97 -9.99
CA PRO A 311 -11.62 34.41 -10.74
C PRO A 311 -11.50 34.22 -12.26
N GLU A 312 -10.31 34.41 -12.80
CA GLU A 312 -10.09 34.31 -14.25
C GLU A 312 -10.47 32.91 -14.81
N ALA A 313 -10.24 31.87 -14.02
CA ALA A 313 -10.56 30.50 -14.40
C ALA A 313 -11.92 30.02 -13.91
N GLU A 314 -12.66 30.86 -13.19
CA GLU A 314 -13.91 30.37 -12.62
C GLU A 314 -14.82 29.71 -13.67
N ASN A 315 -15.03 30.43 -14.76
CA ASN A 315 -15.83 29.96 -15.88
C ASN A 315 -15.43 28.54 -16.34
N GLU A 316 -14.13 28.36 -16.57
CA GLU A 316 -13.64 27.10 -17.09
C GLU A 316 -13.96 26.02 -16.08
N VAL A 317 -13.72 26.31 -14.81
CA VAL A 317 -13.96 25.35 -13.77
C VAL A 317 -15.43 24.96 -13.74
N LYS A 318 -16.31 25.93 -13.94
CA LYS A 318 -17.72 25.61 -13.89
C LYS A 318 -18.12 24.78 -15.11
N ALA A 319 -17.48 25.05 -16.25
CA ALA A 319 -17.91 24.41 -17.49
C ALA A 319 -17.35 22.99 -17.54
N THR A 320 -16.08 22.87 -17.18
CA THR A 320 -15.47 21.57 -16.97
C THR A 320 -16.30 20.71 -15.99
N ALA A 321 -16.70 21.29 -14.87
CA ALA A 321 -17.51 20.53 -13.91
C ALA A 321 -18.83 20.13 -14.54
N ALA A 322 -19.35 20.98 -15.42
CA ALA A 322 -20.63 20.70 -16.05
C ALA A 322 -20.55 19.42 -16.90
N GLU A 323 -19.38 19.16 -17.48
CA GLU A 323 -19.21 18.01 -18.37
C GLU A 323 -19.50 16.70 -17.61
N PHE A 324 -19.12 16.68 -16.35
CA PHE A 324 -19.23 15.51 -15.48
C PHE A 324 -20.56 15.45 -14.75
N GLY A 325 -21.48 16.31 -15.15
CA GLY A 325 -22.79 16.37 -14.52
C GLY A 325 -22.76 17.01 -13.14
N ILE A 326 -21.86 17.97 -12.95
CA ILE A 326 -21.76 18.68 -11.68
C ILE A 326 -22.02 20.18 -11.86
N GLU A 327 -23.09 20.69 -11.26
CA GLU A 327 -23.37 22.12 -11.28
C GLU A 327 -22.78 22.82 -10.07
N LEU A 328 -21.96 23.83 -10.32
CA LEU A 328 -21.12 24.44 -9.29
C LEU A 328 -21.47 25.90 -9.03
N THR A 329 -21.57 26.25 -7.75
CA THR A 329 -21.60 27.65 -7.33
C THR A 329 -20.65 27.82 -6.17
N ALA A 330 -19.96 28.95 -6.13
CA ALA A 330 -19.01 29.22 -5.06
C ALA A 330 -19.65 29.08 -3.65
N ILE A 331 -18.94 28.40 -2.75
CA ILE A 331 -19.40 28.21 -1.38
C ILE A 331 -18.72 29.21 -0.46
N GLY A 332 -17.82 30.00 -1.03
CA GLY A 332 -17.08 30.99 -0.26
C GLY A 332 -15.82 31.44 -0.96
N GLU A 333 -14.90 32.02 -0.19
CA GLU A 333 -13.73 32.67 -0.76
C GLU A 333 -12.56 32.73 0.20
N LEU A 334 -11.39 33.04 -0.36
CA LEU A 334 -10.15 33.09 0.39
C LEU A 334 -9.66 34.52 0.38
N VAL A 335 -9.30 34.99 1.57
CA VAL A 335 -8.92 36.36 1.78
C VAL A 335 -7.59 36.37 2.55
N PRO A 336 -6.91 37.52 2.58
CA PRO A 336 -5.74 37.68 3.45
C PRO A 336 -6.10 37.45 4.93
N ALA A 337 -5.25 36.71 5.64
CA ALA A 337 -5.44 36.50 7.07
C ALA A 337 -5.50 37.78 7.92
N ARG A 338 -6.55 37.90 8.74
CA ARG A 338 -6.69 38.96 9.76
C ARG A 338 -7.17 38.43 11.15
N GLY A 339 -8.43 37.94 11.16
CA GLY A 339 -9.17 37.46 12.32
C GLY A 339 -9.19 35.94 12.47
N GLY A 340 -10.34 35.36 12.83
CA GLY A 340 -10.53 33.90 12.81
C GLY A 340 -10.42 33.18 11.45
N ARG A 341 -9.93 31.93 11.45
CA ARG A 341 -9.49 31.23 10.22
C ARG A 341 -10.56 31.03 9.17
N ALA A 342 -11.68 30.41 9.55
CA ALA A 342 -12.83 30.27 8.67
C ALA A 342 -14.05 30.84 9.38
N MET A 343 -14.79 31.70 8.71
CA MET A 343 -15.96 32.30 9.27
C MET A 343 -17.13 31.93 8.46
N VAL A 344 -18.26 31.71 9.06
CA VAL A 344 -19.39 31.42 8.26
C VAL A 344 -20.36 32.58 8.20
N GLU A 345 -20.78 32.94 7.00
CA GLU A 345 -21.86 33.89 6.80
C GLU A 345 -22.96 33.06 7.30
N ILE A 346 -22.81 32.71 8.57
CA ILE A 346 -23.61 31.73 9.29
C ILE A 346 -25.07 31.88 9.05
N ARG A 347 -25.83 31.13 9.81
CA ARG A 347 -27.27 31.10 9.65
C ARG A 347 -27.94 30.33 10.76
N HIS B 13 9.88 -5.64 22.71
CA HIS B 13 9.12 -5.78 23.94
C HIS B 13 7.78 -6.45 23.75
N GLY B 14 7.60 -7.20 22.66
CA GLY B 14 6.31 -7.72 22.31
C GLY B 14 6.12 -8.08 20.86
N ALA B 15 6.56 -9.27 20.53
CA ALA B 15 6.11 -10.02 19.40
C ALA B 15 5.15 -10.83 20.15
N GLY B 16 4.61 -10.21 21.16
CA GLY B 16 3.84 -10.89 22.15
C GLY B 16 2.42 -10.57 21.88
N CYS B 17 2.20 -9.70 20.91
CA CYS B 17 0.86 -9.25 20.63
C CYS B 17 0.37 -9.84 19.32
N GLY B 18 1.22 -10.60 18.63
CA GLY B 18 0.91 -10.85 17.23
C GLY B 18 -0.51 -11.27 16.88
N CYS B 19 -1.01 -12.40 17.40
CA CYS B 19 -0.20 -13.51 17.86
C CYS B 19 -0.32 -14.57 16.77
N LYS B 20 0.33 -15.72 16.97
CA LYS B 20 0.21 -16.82 16.01
C LYS B 20 0.65 -16.39 14.61
N ILE B 21 1.95 -16.27 14.39
CA ILE B 21 2.52 -15.64 13.20
C ILE B 21 2.66 -16.59 11.99
N SER B 22 2.02 -17.76 12.06
CA SER B 22 2.23 -18.76 11.02
C SER B 22 1.28 -19.95 11.08
N PRO B 23 1.06 -20.60 9.91
CA PRO B 23 1.06 -19.88 8.63
C PRO B 23 -0.32 -19.63 8.05
N LYS B 24 -1.33 -19.35 8.85
CA LYS B 24 -2.65 -19.04 8.30
C LYS B 24 -2.90 -17.53 8.34
N VAL B 25 -1.87 -16.79 8.75
CA VAL B 25 -1.98 -15.35 8.98
C VAL B 25 -1.53 -14.51 7.77
N LEU B 26 -0.29 -14.67 7.34
CA LEU B 26 0.24 -13.87 6.23
C LEU B 26 -0.09 -14.44 4.86
N GLU B 27 -0.77 -13.63 4.05
CA GLU B 27 -1.21 -14.01 2.71
C GLU B 27 -1.76 -15.43 2.69
N THR B 28 -2.91 -15.57 3.32
CA THR B 28 -3.57 -16.84 3.37
C THR B 28 -4.10 -17.15 1.98
N ILE B 29 -3.65 -18.27 1.40
CA ILE B 29 -4.31 -18.85 0.23
C ILE B 29 -5.64 -19.14 0.87
N LEU B 30 -6.71 -19.25 0.10
CA LEU B 30 -7.95 -18.53 0.36
C LEU B 30 -7.63 -17.15 -0.18
N HIS B 31 -7.56 -16.13 0.67
CA HIS B 31 -7.56 -14.74 0.23
C HIS B 31 -6.75 -14.46 -1.02
N SER B 32 -5.55 -15.05 -1.10
CA SER B 32 -4.60 -14.81 -2.18
C SER B 32 -5.16 -15.02 -3.60
N GLU B 33 -6.29 -15.72 -3.69
CA GLU B 33 -6.85 -16.10 -4.98
C GLU B 33 -7.69 -14.99 -5.60
N GLN B 34 -7.70 -13.84 -4.92
CA GLN B 34 -8.57 -12.72 -5.27
C GLN B 34 -8.01 -11.70 -6.26
N ALA B 35 -6.89 -12.03 -6.88
CA ALA B 35 -6.41 -11.28 -8.05
C ALA B 35 -7.38 -11.32 -9.27
N LYS B 36 -8.19 -12.38 -9.36
CA LYS B 36 -9.21 -12.56 -10.43
C LYS B 36 -8.65 -12.71 -11.87
N PHE B 37 -9.23 -11.98 -12.82
CA PHE B 37 -8.86 -12.04 -14.23
C PHE B 37 -9.19 -10.70 -14.86
N VAL B 38 -8.46 -10.32 -15.92
CA VAL B 38 -8.89 -9.29 -16.88
C VAL B 38 -7.84 -8.96 -17.96
N ASP B 39 -8.29 -8.37 -19.07
CA ASP B 39 -7.40 -7.78 -20.06
C ASP B 39 -7.89 -6.51 -20.82
N PRO B 40 -8.09 -5.36 -20.13
CA PRO B 40 -7.99 -3.99 -20.68
C PRO B 40 -6.55 -3.44 -20.91
N ASN B 41 -5.60 -3.98 -20.14
CA ASN B 41 -4.18 -3.71 -20.29
C ASN B 41 -3.61 -2.27 -20.07
N LEU B 42 -2.50 -2.02 -20.76
CA LEU B 42 -1.35 -1.24 -20.31
C LEU B 42 -0.71 -1.86 -19.05
N LEU B 43 -1.46 -2.74 -18.40
CA LEU B 43 -1.05 -3.39 -17.17
C LEU B 43 -0.39 -4.70 -17.58
N VAL B 44 0.93 -4.75 -17.52
CA VAL B 44 1.58 -5.95 -17.99
C VAL B 44 2.01 -6.88 -16.86
N GLY B 45 2.07 -6.36 -15.65
CA GLY B 45 2.73 -7.07 -14.57
C GLY B 45 2.02 -7.91 -13.54
N ASN B 46 0.79 -7.60 -13.14
CA ASN B 46 0.01 -8.62 -12.43
C ASN B 46 -1.46 -8.68 -12.72
N GLU B 47 -1.88 -9.61 -13.57
CA GLU B 47 -3.28 -9.97 -13.68
C GLU B 47 -3.64 -11.34 -13.09
N THR B 48 -2.65 -12.15 -12.71
CA THR B 48 -2.97 -13.54 -12.38
C THR B 48 -2.56 -14.06 -10.99
N ARG B 49 -1.32 -14.56 -10.89
CA ARG B 49 -0.78 -15.06 -9.63
C ARG B 49 0.26 -14.15 -8.99
N ASP B 50 0.58 -13.04 -9.65
CA ASP B 50 1.76 -12.24 -9.32
C ASP B 50 1.66 -11.49 -8.00
N ASP B 51 2.82 -11.15 -7.44
CA ASP B 51 2.88 -10.36 -6.21
C ASP B 51 3.15 -8.86 -6.41
N ALA B 52 3.19 -8.41 -7.66
CA ALA B 52 3.37 -6.99 -7.99
C ALA B 52 2.70 -6.58 -9.30
N ALA B 53 2.16 -5.36 -9.33
CA ALA B 53 1.58 -4.83 -10.56
C ALA B 53 2.60 -3.96 -11.32
N VAL B 54 2.52 -3.98 -12.65
CA VAL B 54 3.45 -3.21 -13.48
C VAL B 54 2.67 -2.59 -14.63
N TYR B 55 2.92 -1.31 -14.86
CA TYR B 55 2.17 -0.57 -15.87
C TYR B 55 3.14 0.14 -16.81
N ASP B 56 2.99 -0.13 -18.09
CA ASP B 56 3.80 0.43 -19.15
C ASP B 56 3.34 1.85 -19.47
N LEU B 57 4.26 2.81 -19.42
CA LEU B 57 3.94 4.18 -19.71
C LEU B 57 4.07 4.50 -21.20
N GLY B 58 4.72 3.62 -21.94
CA GLY B 58 4.82 3.75 -23.38
C GLY B 58 6.04 4.50 -23.88
N ASN B 59 6.76 5.12 -22.96
CA ASN B 59 7.96 5.87 -23.30
C ASN B 59 9.20 5.01 -23.13
N GLY B 60 8.99 3.74 -22.78
CA GLY B 60 10.09 2.83 -22.52
C GLY B 60 10.28 2.58 -21.04
N THR B 61 9.45 3.23 -20.24
CA THR B 61 9.52 3.10 -18.78
C THR B 61 8.22 2.54 -18.18
N SER B 62 8.35 1.56 -17.29
CA SER B 62 7.20 1.02 -16.58
C SER B 62 7.25 1.31 -15.07
N VAL B 63 6.08 1.62 -14.51
CA VAL B 63 5.94 1.81 -13.07
C VAL B 63 5.53 0.52 -12.37
N ILE B 64 6.24 0.19 -11.30
CA ILE B 64 5.96 -0.99 -10.48
C ILE B 64 5.23 -0.54 -9.24
N SER B 65 4.24 -1.32 -8.80
CA SER B 65 3.55 -1.05 -7.55
C SER B 65 3.44 -2.35 -6.79
N THR B 66 3.86 -2.30 -5.53
CA THR B 66 3.86 -3.54 -4.75
C THR B 66 3.57 -3.25 -3.29
N THR B 67 2.85 -4.13 -2.63
CA THR B 67 2.54 -3.90 -1.22
C THR B 67 2.80 -5.17 -0.43
N ASP B 68 3.28 -4.99 0.78
CA ASP B 68 3.39 -6.11 1.71
C ASP B 68 3.36 -5.55 3.13
N PHE B 69 2.75 -6.31 4.05
CA PHE B 69 2.67 -5.90 5.44
C PHE B 69 2.44 -7.14 6.30
N PHE B 70 2.91 -7.09 7.55
CA PHE B 70 2.61 -8.18 8.47
C PHE B 70 2.52 -7.81 9.95
N MET B 71 2.27 -8.82 10.76
CA MET B 71 2.33 -8.70 12.21
C MET B 71 3.79 -8.76 12.63
N PRO B 72 4.10 -8.30 13.86
CA PRO B 72 5.49 -8.29 14.33
C PRO B 72 6.14 -9.66 14.38
N ILE B 73 7.27 -9.78 13.66
CA ILE B 73 8.11 -10.98 13.62
C ILE B 73 9.14 -11.03 14.73
N VAL B 74 9.60 -9.84 15.12
CA VAL B 74 10.57 -9.69 16.20
C VAL B 74 9.97 -8.81 17.30
N ASP B 75 10.58 -8.87 18.49
CA ASP B 75 10.09 -8.10 19.62
C ASP B 75 10.47 -6.61 19.59
N ASN B 76 11.57 -6.29 18.90
CA ASN B 76 12.05 -4.91 18.79
C ASN B 76 11.34 -4.12 17.68
N PRO B 77 10.59 -3.09 18.07
CA PRO B 77 9.74 -2.29 17.19
C PRO B 77 10.50 -1.64 16.02
N PHE B 78 11.69 -1.14 16.31
CA PHE B 78 12.48 -0.51 15.27
C PHE B 78 12.82 -1.55 14.21
N ASP B 79 13.34 -2.70 14.67
CA ASP B 79 13.73 -3.79 13.80
C ASP B 79 12.55 -4.34 13.01
N PHE B 80 11.42 -4.49 13.67
CA PHE B 80 10.20 -4.96 13.03
C PHE B 80 9.89 -4.08 11.85
N GLY B 81 9.86 -2.76 12.08
CA GLY B 81 9.65 -1.83 10.98
C GLY B 81 10.68 -1.90 9.86
N ARG B 82 11.95 -2.03 10.22
CA ARG B 82 13.01 -2.15 9.22
C ARG B 82 12.78 -3.36 8.36
N ILE B 83 12.55 -4.48 9.02
CA ILE B 83 12.41 -5.75 8.33
C ILE B 83 11.20 -5.74 7.40
N ALA B 84 10.06 -5.26 7.91
CA ALA B 84 8.87 -5.26 7.09
C ALA B 84 9.06 -4.36 5.88
N ALA B 85 9.72 -3.22 6.08
CA ALA B 85 9.96 -2.30 4.96
C ALA B 85 10.91 -2.93 3.95
N THR B 86 11.95 -3.56 4.47
CA THR B 86 12.94 -4.21 3.61
C THR B 86 12.27 -5.29 2.73
N ASN B 87 11.44 -6.10 3.35
CA ASN B 87 10.70 -7.14 2.67
C ASN B 87 9.80 -6.57 1.59
N ALA B 88 9.02 -5.54 1.92
CA ALA B 88 8.17 -4.90 0.93
C ALA B 88 8.95 -4.32 -0.25
N ILE B 89 10.13 -3.76 0.03
CA ILE B 89 10.89 -3.12 -1.04
C ILE B 89 11.60 -4.17 -1.91
N SER B 90 11.89 -5.33 -1.35
CA SER B 90 12.56 -6.39 -2.08
C SER B 90 11.87 -6.77 -3.40
N ASP B 91 10.54 -6.70 -3.42
CA ASP B 91 9.79 -7.07 -4.62
C ASP B 91 10.17 -6.20 -5.82
N ILE B 92 10.51 -4.94 -5.59
CA ILE B 92 10.92 -4.07 -6.69
C ILE B 92 12.30 -4.47 -7.22
N PHE B 93 13.24 -4.73 -6.30
CA PHE B 93 14.59 -5.17 -6.67
C PHE B 93 14.63 -6.52 -7.38
N ALA B 94 13.75 -7.44 -7.00
CA ALA B 94 13.80 -8.80 -7.55
C ALA B 94 13.32 -8.91 -9.01
N MET B 95 12.59 -7.89 -9.46
CA MET B 95 12.21 -7.71 -10.86
C MET B 95 13.21 -6.81 -11.56
N GLY B 96 14.23 -6.40 -10.83
CA GLY B 96 15.23 -5.50 -11.37
C GLY B 96 14.78 -4.07 -11.52
N GLY B 97 13.88 -3.63 -10.64
CA GLY B 97 13.42 -2.25 -10.65
C GLY B 97 14.14 -1.39 -9.62
N LYS B 98 13.90 -0.09 -9.71
CA LYS B 98 14.42 0.88 -8.76
C LYS B 98 13.23 1.48 -8.02
N PRO B 99 13.24 1.42 -6.66
CA PRO B 99 12.19 2.13 -5.92
C PRO B 99 12.35 3.65 -6.01
N ILE B 100 11.27 4.35 -6.32
CA ILE B 100 11.26 5.80 -6.23
C ILE B 100 10.54 6.38 -5.02
N MET B 101 9.67 5.59 -4.38
CA MET B 101 9.03 6.03 -3.12
C MET B 101 8.28 4.93 -2.38
N ALA B 102 7.82 5.25 -1.18
CA ALA B 102 7.12 4.28 -0.35
C ALA B 102 6.17 4.98 0.59
N ILE B 103 5.06 4.33 0.91
CA ILE B 103 4.18 4.93 1.89
C ILE B 103 3.86 3.88 2.91
N ALA B 104 3.73 4.30 4.15
CA ALA B 104 3.56 3.36 5.25
C ALA B 104 2.15 2.79 5.35
N ILE B 105 2.06 1.56 5.83
CA ILE B 105 0.79 0.93 6.16
C ILE B 105 0.88 0.50 7.60
N LEU B 106 0.00 1.04 8.44
CA LEU B 106 0.06 0.80 9.87
C LEU B 106 -1.31 0.53 10.46
N GLY B 107 -1.52 -0.66 11.04
CA GLY B 107 -2.59 -0.82 12.01
C GLY B 107 -1.99 -0.84 13.40
N TRP B 108 -2.65 -0.22 14.37
CA TRP B 108 -2.10 -0.19 15.73
C TRP B 108 -3.23 -0.20 16.76
N PRO B 109 -3.05 -0.95 17.87
CA PRO B 109 -4.02 -1.02 18.96
C PRO B 109 -3.78 0.06 20.02
N ILE B 110 -4.27 1.28 19.77
CA ILE B 110 -3.94 2.41 20.64
C ILE B 110 -4.41 2.22 22.09
N ASN B 111 -5.53 1.53 22.29
CA ASN B 111 -6.02 1.31 23.65
C ASN B 111 -5.15 0.33 24.43
N LYS B 112 -4.18 -0.23 23.71
CA LYS B 112 -3.25 -1.22 24.24
C LYS B 112 -1.82 -0.67 24.25
N LEU B 113 -1.36 -0.24 23.09
CA LEU B 113 0.02 0.18 22.90
C LEU B 113 0.15 1.67 22.66
N SER B 114 1.14 2.26 23.30
CA SER B 114 1.43 3.67 23.16
C SER B 114 1.93 4.01 21.76
N PRO B 115 1.60 5.22 21.28
CA PRO B 115 2.07 5.79 20.01
C PRO B 115 3.59 5.95 19.94
N GLU B 116 4.25 5.89 21.10
CA GLU B 116 5.71 5.94 21.12
C GLU B 116 6.32 4.79 20.36
N ILE B 117 5.88 3.59 20.74
CA ILE B 117 6.29 2.36 20.10
C ILE B 117 5.99 2.41 18.62
N ALA B 118 4.78 2.83 18.27
CA ALA B 118 4.36 2.86 16.87
C ALA B 118 5.31 3.75 16.07
N ARG B 119 5.73 4.83 16.70
CA ARG B 119 6.71 5.70 16.09
C ARG B 119 8.03 4.98 15.89
N GLU B 120 8.39 4.11 16.84
CA GLU B 120 9.62 3.36 16.65
C GLU B 120 9.53 2.46 15.40
N VAL B 121 8.42 1.75 15.28
CA VAL B 121 8.21 0.89 14.13
C VAL B 121 8.36 1.69 12.84
N THR B 122 7.69 2.84 12.80
CA THR B 122 7.73 3.69 11.61
C THR B 122 9.11 4.20 11.30
N GLU B 123 9.88 4.53 12.32
CA GLU B 123 11.24 5.02 12.14
C GLU B 123 12.11 3.90 11.57
N GLY B 124 11.85 2.67 12.01
CA GLY B 124 12.47 1.50 11.40
C GLY B 124 12.20 1.44 9.90
N GLY B 125 10.92 1.52 9.56
CA GLY B 125 10.54 1.61 8.15
C GLY B 125 11.32 2.68 7.40
N ARG B 126 11.37 3.88 7.99
CA ARG B 126 12.01 5.03 7.36
C ARG B 126 13.49 4.73 7.12
N TYR B 127 14.14 4.14 8.11
CA TYR B 127 15.54 3.70 7.98
C TYR B 127 15.74 2.73 6.80
N ALA B 128 14.94 1.66 6.77
CA ALA B 128 15.04 0.68 5.66
C ALA B 128 14.83 1.37 4.29
N CYS B 129 13.90 2.31 4.22
CA CYS B 129 13.67 3.09 3.00
C CYS B 129 14.92 3.89 2.61
N ARG B 130 15.55 4.51 3.59
CA ARG B 130 16.76 5.28 3.29
C ARG B 130 17.84 4.35 2.74
N GLN B 131 17.94 3.14 3.30
CA GLN B 131 18.87 2.12 2.75
C GLN B 131 18.58 1.80 1.27
N ALA B 132 17.32 1.92 0.86
CA ALA B 132 16.92 1.68 -0.53
C ALA B 132 17.03 2.92 -1.40
N GLY B 133 17.51 4.01 -0.82
CA GLY B 133 17.63 5.28 -1.53
C GLY B 133 16.35 6.09 -1.65
N ILE B 134 15.37 5.82 -0.82
CA ILE B 134 14.15 6.59 -0.91
C ILE B 134 13.67 7.11 0.43
N ALA B 135 12.62 7.91 0.37
CA ALA B 135 12.01 8.50 1.54
C ALA B 135 10.78 7.71 1.91
N LEU B 136 10.46 7.67 3.21
CA LEU B 136 9.15 7.18 3.54
C LEU B 136 8.25 8.41 3.44
N ALA B 137 7.39 8.40 2.44
CA ALA B 137 6.62 9.55 1.98
C ALA B 137 5.28 9.74 2.68
N GLY B 138 5.16 9.23 3.90
CA GLY B 138 3.90 9.32 4.65
C GLY B 138 3.18 7.99 4.60
N GLY B 139 1.85 8.01 4.69
CA GLY B 139 1.08 6.79 4.64
C GLY B 139 -0.28 6.92 5.28
N HIS B 140 -0.86 5.79 5.68
CA HIS B 140 -2.19 5.78 6.28
C HIS B 140 -2.14 4.86 7.46
N SER B 141 -2.93 5.17 8.48
CA SER B 141 -2.93 4.35 9.68
C SER B 141 -4.29 4.29 10.33
N ILE B 142 -4.55 3.20 11.04
CA ILE B 142 -5.85 3.01 11.67
C ILE B 142 -5.65 2.28 12.98
N ASP B 143 -6.67 2.36 13.83
CA ASP B 143 -6.73 1.53 15.02
C ASP B 143 -7.04 0.10 14.60
N ALA B 144 -6.23 -0.85 15.04
CA ALA B 144 -6.50 -2.26 14.79
C ALA B 144 -6.12 -3.07 16.01
N PRO B 145 -6.84 -4.16 16.28
CA PRO B 145 -6.63 -5.03 17.45
C PRO B 145 -5.23 -5.62 17.52
N GLU B 146 -4.58 -5.79 16.37
CA GLU B 146 -3.24 -6.34 16.30
C GLU B 146 -2.37 -5.42 15.47
N PRO B 147 -1.11 -5.23 15.89
CA PRO B 147 -0.18 -4.38 15.12
C PRO B 147 0.12 -4.95 13.73
N ILE B 148 0.02 -4.10 12.72
CA ILE B 148 0.30 -4.47 11.34
C ILE B 148 1.19 -3.39 10.77
N PHE B 149 2.31 -3.77 10.17
CA PHE B 149 3.13 -2.79 9.48
C PHE B 149 3.66 -3.29 8.16
N GLY B 150 3.68 -2.39 7.18
CA GLY B 150 4.34 -2.67 5.93
C GLY B 150 4.37 -1.45 5.04
N LEU B 151 4.66 -1.65 3.77
CA LEU B 151 4.68 -0.53 2.85
C LEU B 151 3.90 -0.81 1.59
N ALA B 152 3.54 0.28 0.92
CA ALA B 152 3.20 0.23 -0.49
C ALA B 152 4.33 0.96 -1.20
N VAL B 153 5.08 0.24 -2.03
CA VAL B 153 6.27 0.77 -2.67
C VAL B 153 6.04 0.96 -4.15
N THR B 154 6.62 2.01 -4.70
CA THR B 154 6.49 2.31 -6.10
C THR B 154 7.88 2.29 -6.69
N GLY B 155 7.99 1.86 -7.94
CA GLY B 155 9.28 1.70 -8.57
C GLY B 155 9.25 1.96 -10.06
N ILE B 156 10.41 2.00 -10.67
CA ILE B 156 10.49 2.06 -12.13
C ILE B 156 11.44 1.03 -12.72
N VAL B 157 11.06 0.48 -13.86
CA VAL B 157 11.88 -0.52 -14.55
C VAL B 157 11.73 -0.27 -16.03
N PRO B 158 12.81 -0.42 -16.80
CA PRO B 158 12.67 -0.33 -18.26
C PRO B 158 11.63 -1.34 -18.75
N THR B 159 10.78 -0.92 -19.68
CA THR B 159 9.71 -1.78 -20.14
C THR B 159 10.24 -3.05 -20.84
N GLU B 160 11.39 -2.95 -21.49
CA GLU B 160 11.98 -4.10 -22.16
C GLU B 160 12.27 -5.24 -21.19
N ARG B 161 12.68 -4.89 -19.97
CA ARG B 161 13.00 -5.89 -18.94
C ARG B 161 11.80 -6.76 -18.56
N VAL B 162 10.62 -6.15 -18.45
CA VAL B 162 9.40 -6.89 -18.17
C VAL B 162 8.79 -7.57 -19.41
N LYS B 163 8.77 -6.86 -20.53
CA LYS B 163 8.07 -7.31 -21.73
C LYS B 163 8.78 -8.48 -22.40
N LYS B 164 10.10 -8.49 -22.31
CA LYS B 164 10.86 -9.66 -22.70
C LYS B 164 11.20 -10.36 -21.40
N ASN B 165 10.54 -11.48 -21.12
CA ASN B 165 10.73 -12.15 -19.85
C ASN B 165 11.38 -13.52 -19.99
N SER B 166 12.65 -13.60 -19.59
CA SER B 166 13.28 -14.89 -19.39
C SER B 166 12.74 -15.30 -18.02
N THR B 167 12.25 -16.53 -17.84
CA THR B 167 12.57 -17.73 -18.63
C THR B 167 14.03 -18.13 -18.55
N ALA B 168 14.38 -18.76 -17.42
CA ALA B 168 15.69 -19.35 -17.27
C ALA B 168 15.80 -20.51 -18.27
N GLN B 169 16.97 -21.14 -18.27
CA GLN B 169 17.30 -22.07 -19.33
C GLN B 169 18.16 -23.20 -18.79
N ALA B 170 18.09 -24.35 -19.46
CA ALA B 170 18.95 -25.47 -19.15
C ALA B 170 20.42 -25.06 -19.27
N GLY B 171 21.21 -25.42 -18.27
CA GLY B 171 22.62 -25.08 -18.26
C GLY B 171 22.93 -23.98 -17.26
N CYS B 172 21.88 -23.28 -16.82
CA CYS B 172 22.02 -22.18 -15.88
C CYS B 172 22.53 -22.65 -14.53
N LYS B 173 23.50 -21.90 -14.00
CA LYS B 173 23.93 -22.07 -12.62
C LYS B 173 22.98 -21.33 -11.68
N LEU B 174 22.89 -21.82 -10.45
CA LEU B 174 21.95 -21.30 -9.44
C LEU B 174 22.69 -20.61 -8.32
N PHE B 175 22.30 -19.36 -8.06
CA PHE B 175 22.97 -18.55 -7.04
C PHE B 175 22.03 -17.93 -5.99
N LEU B 176 22.56 -17.83 -4.78
CA LEU B 176 21.82 -17.35 -3.62
C LEU B 176 22.64 -16.22 -2.96
N THR B 177 21.98 -15.10 -2.69
CA THR B 177 22.65 -13.94 -2.11
C THR B 177 22.56 -13.88 -0.59
N LYS B 178 21.77 -14.78 0.00
CA LYS B 178 21.62 -14.83 1.46
C LYS B 178 21.52 -16.26 1.97
N PRO B 179 22.10 -16.54 3.15
CA PRO B 179 21.95 -17.90 3.71
C PRO B 179 20.53 -18.14 4.19
N LEU B 180 20.16 -19.41 4.36
CA LEU B 180 18.79 -19.76 4.70
C LEU B 180 18.65 -20.03 6.19
N GLY B 181 17.41 -20.20 6.65
CA GLY B 181 17.12 -20.42 8.04
C GLY B 181 16.41 -19.33 8.85
N ILE B 182 16.02 -18.23 8.20
CA ILE B 182 15.38 -17.14 8.94
C ILE B 182 14.15 -17.59 9.76
N GLY B 183 13.25 -18.31 9.10
CA GLY B 183 12.08 -18.91 9.75
C GLY B 183 12.37 -19.74 10.99
N VAL B 184 13.39 -20.61 10.90
CA VAL B 184 13.74 -21.46 12.03
C VAL B 184 14.39 -20.69 13.17
N LEU B 185 15.13 -19.62 12.85
CA LEU B 185 15.78 -18.84 13.92
C LEU B 185 14.74 -18.05 14.67
N THR B 186 13.85 -17.40 13.94
CA THR B 186 12.76 -16.69 14.59
C THR B 186 11.89 -17.64 15.39
N THR B 187 11.68 -18.86 14.87
CA THR B 187 10.90 -19.85 15.59
C THR B 187 11.65 -20.32 16.85
N ALA B 188 12.97 -20.37 16.76
CA ALA B 188 13.81 -20.82 17.87
C ALA B 188 13.77 -19.76 18.94
N GLU B 189 13.46 -18.53 18.55
CA GLU B 189 13.25 -17.46 19.50
C GLU B 189 11.99 -17.67 20.34
N LYS B 190 11.04 -18.48 19.86
CA LYS B 190 9.84 -18.79 20.64
C LYS B 190 10.23 -19.33 22.01
N LYS B 191 11.28 -20.16 22.00
CA LYS B 191 12.02 -20.54 23.20
C LYS B 191 13.12 -21.44 22.68
N SER B 192 14.17 -21.59 23.48
CA SER B 192 15.37 -22.38 23.12
C SER B 192 16.39 -21.68 22.20
N LEU B 193 16.06 -20.48 21.77
CA LEU B 193 17.00 -19.75 21.00
C LEU B 193 18.13 -19.50 21.96
N LEU B 194 19.35 -19.74 21.51
CA LEU B 194 20.45 -19.64 22.41
C LEU B 194 21.10 -18.30 22.28
N LYS B 195 21.71 -17.84 23.38
CA LYS B 195 22.29 -16.51 23.49
C LYS B 195 23.39 -16.16 22.52
N PRO B 196 24.14 -17.14 22.07
CA PRO B 196 25.29 -16.87 21.23
C PRO B 196 24.93 -16.15 19.98
N GLU B 197 25.73 -16.25 18.94
CA GLU B 197 25.52 -15.43 17.76
C GLU B 197 24.17 -15.70 17.14
N HIS B 198 23.29 -16.27 17.91
CA HIS B 198 21.96 -16.53 17.42
C HIS B 198 21.09 -15.46 17.97
N GLN B 199 21.73 -14.40 18.42
CA GLN B 199 21.03 -13.22 18.83
C GLN B 199 21.24 -12.15 17.82
N GLY B 200 20.17 -11.74 17.17
CA GLY B 200 20.19 -10.68 16.21
C GLY B 200 20.79 -11.02 14.87
N LEU B 201 21.30 -12.21 14.70
CA LEU B 201 21.79 -12.51 13.35
C LEU B 201 20.68 -12.62 12.32
N ALA B 202 19.53 -13.18 12.69
CA ALA B 202 18.41 -13.25 11.75
C ALA B 202 17.91 -11.84 11.38
N THR B 203 17.96 -10.92 12.35
CA THR B 203 17.54 -9.56 12.06
C THR B 203 18.52 -8.92 11.08
N GLU B 204 19.81 -9.11 11.33
CA GLU B 204 20.82 -8.55 10.45
C GLU B 204 20.71 -9.11 9.03
N VAL B 205 20.39 -10.40 8.89
CA VAL B 205 20.23 -11.00 7.57
C VAL B 205 19.00 -10.44 6.83
N MET B 206 17.88 -10.39 7.54
CA MET B 206 16.69 -9.76 6.97
C MET B 206 16.85 -8.30 6.52
N CYS B 207 17.70 -7.54 7.21
CA CYS B 207 17.80 -6.10 6.94
C CYS B 207 18.76 -5.73 5.84
N ARG B 208 19.38 -6.76 5.25
CA ARG B 208 20.20 -6.57 4.06
C ARG B 208 19.24 -6.35 2.93
N MET B 209 19.37 -5.19 2.30
CA MET B 209 18.49 -4.76 1.23
C MET B 209 19.01 -5.42 -0.04
N ASN B 210 18.08 -5.82 -0.91
CA ASN B 210 18.37 -6.59 -2.12
C ASN B 210 18.82 -5.67 -3.27
N ILE B 211 19.33 -4.51 -2.91
CA ILE B 211 19.65 -3.43 -3.83
C ILE B 211 20.45 -3.88 -5.07
N ALA B 212 21.20 -4.96 -4.95
CA ALA B 212 22.03 -5.41 -6.07
C ALA B 212 21.22 -5.98 -7.23
N GLY B 213 19.97 -6.37 -6.96
CA GLY B 213 19.10 -6.91 -7.99
C GLY B 213 18.95 -5.97 -9.16
N ALA B 214 18.79 -4.68 -8.85
CA ALA B 214 18.68 -3.65 -9.86
C ALA B 214 19.84 -3.70 -10.84
N SER B 215 21.03 -4.06 -10.34
CA SER B 215 22.20 -4.21 -11.20
C SER B 215 22.23 -5.55 -11.94
N PHE B 216 21.80 -6.60 -11.25
CA PHE B 216 21.82 -7.94 -11.82
C PHE B 216 20.97 -8.00 -13.09
N ALA B 217 19.95 -7.16 -13.14
CA ALA B 217 19.04 -7.14 -14.29
C ALA B 217 19.63 -6.43 -15.49
N ASN B 218 20.73 -5.72 -15.29
CA ASN B 218 21.39 -5.04 -16.41
C ASN B 218 22.33 -5.99 -17.15
N ILE B 219 22.37 -7.25 -16.72
CA ILE B 219 23.19 -8.28 -17.36
C ILE B 219 22.34 -9.21 -18.24
N GLU B 220 22.81 -9.55 -19.43
CA GLU B 220 21.99 -10.43 -20.21
C GLU B 220 22.14 -11.87 -19.75
N GLY B 221 23.36 -12.28 -19.48
CA GLY B 221 23.57 -13.66 -19.11
C GLY B 221 22.69 -14.23 -18.01
N VAL B 222 22.24 -13.38 -17.10
CA VAL B 222 21.37 -13.86 -16.03
C VAL B 222 19.97 -13.99 -16.60
N LYS B 223 19.51 -15.23 -16.67
CA LYS B 223 18.22 -15.55 -17.28
C LYS B 223 17.04 -15.40 -16.35
N ALA B 224 17.19 -15.71 -15.07
CA ALA B 224 16.02 -15.56 -14.18
C ALA B 224 16.36 -14.99 -12.81
N MET B 225 15.52 -14.08 -12.30
CA MET B 225 15.80 -13.50 -10.98
C MET B 225 14.58 -13.37 -10.09
N THR B 226 14.63 -14.02 -8.94
CA THR B 226 13.52 -13.89 -8.01
C THR B 226 14.03 -13.72 -6.59
N ASP B 227 13.16 -13.37 -5.64
CA ASP B 227 13.57 -13.28 -4.23
C ASP B 227 13.04 -14.48 -3.46
N VAL B 228 13.84 -15.04 -2.55
CA VAL B 228 13.36 -16.23 -1.85
C VAL B 228 12.73 -15.81 -0.53
N THR B 229 11.41 -15.78 -0.52
CA THR B 229 10.65 -15.35 0.63
C THR B 229 9.38 -16.14 0.85
N GLY B 230 9.32 -16.90 1.93
CA GLY B 230 8.05 -17.37 2.43
C GLY B 230 7.52 -18.63 1.78
N PHE B 231 7.78 -18.81 0.49
CA PHE B 231 7.51 -20.08 -0.17
C PHE B 231 8.72 -20.96 0.08
N GLY B 232 9.77 -20.37 0.64
CA GLY B 232 11.02 -21.06 0.87
C GLY B 232 11.78 -21.35 -0.42
N LEU B 233 12.99 -21.88 -0.28
CA LEU B 233 13.83 -22.12 -1.45
C LEU B 233 13.21 -23.15 -2.41
N LEU B 234 12.59 -24.18 -1.84
CA LEU B 234 11.93 -25.21 -2.62
C LEU B 234 10.87 -24.58 -3.50
N GLY B 235 9.93 -23.88 -2.87
CA GLY B 235 8.86 -23.19 -3.59
C GLY B 235 9.32 -22.24 -4.67
N HIS B 236 10.25 -21.33 -4.34
CA HIS B 236 10.72 -20.36 -5.33
C HIS B 236 11.50 -20.98 -6.50
N LEU B 237 12.32 -21.97 -6.21
CA LEU B 237 13.10 -22.62 -7.25
C LEU B 237 12.21 -23.51 -8.14
N SER B 238 11.19 -24.09 -7.52
CA SER B 238 10.22 -24.91 -8.24
C SER B 238 9.42 -24.00 -9.17
N GLU B 239 9.04 -22.83 -8.68
CA GLU B 239 8.34 -21.86 -9.53
C GLU B 239 9.21 -21.41 -10.70
N MET B 240 10.48 -21.16 -10.44
CA MET B 240 11.43 -20.83 -11.49
C MET B 240 11.57 -21.99 -12.51
N CYS B 241 11.41 -23.24 -12.07
CA CYS B 241 11.47 -24.36 -13.02
C CYS B 241 10.17 -24.64 -13.77
N GLN B 242 9.05 -24.16 -13.23
CA GLN B 242 7.74 -24.37 -13.84
C GLN B 242 7.67 -23.64 -15.17
N GLY B 243 7.93 -22.34 -15.14
CA GLY B 243 8.24 -21.62 -16.36
C GLY B 243 9.59 -22.17 -16.79
N ALA B 244 9.91 -22.06 -18.07
CA ALA B 244 11.16 -22.58 -18.61
C ALA B 244 11.22 -24.11 -18.76
N GLY B 245 10.23 -24.81 -18.20
CA GLY B 245 10.05 -26.23 -18.42
C GLY B 245 11.32 -27.04 -18.22
N VAL B 246 11.95 -26.83 -17.08
CA VAL B 246 13.27 -27.37 -16.82
C VAL B 246 13.26 -27.92 -15.40
N GLN B 247 14.16 -28.85 -15.08
CA GLN B 247 14.31 -29.31 -13.72
C GLN B 247 15.56 -28.76 -13.06
N ALA B 248 15.73 -29.06 -11.78
CA ALA B 248 16.85 -28.50 -11.03
C ALA B 248 17.59 -29.54 -10.19
N ARG B 249 18.91 -29.37 -10.12
CA ARG B 249 19.75 -30.21 -9.28
C ARG B 249 20.50 -29.34 -8.27
N VAL B 250 20.29 -29.58 -6.99
CA VAL B 250 20.90 -28.74 -5.95
C VAL B 250 21.82 -29.46 -4.95
N ASP B 251 23.01 -28.92 -4.75
CA ASP B 251 23.93 -29.45 -3.76
C ASP B 251 23.48 -28.94 -2.39
N TYR B 252 23.03 -29.83 -1.54
CA TYR B 252 22.42 -29.42 -0.31
C TYR B 252 23.35 -28.92 0.71
N GLU B 253 24.63 -28.91 0.43
CA GLU B 253 25.50 -28.43 1.47
C GLU B 253 26.12 -27.16 1.01
N ALA B 254 26.18 -26.97 -0.29
CA ALA B 254 26.76 -25.73 -0.73
C ALA B 254 25.91 -24.59 -0.16
N ILE B 255 24.81 -24.97 0.47
CA ILE B 255 23.66 -24.08 0.62
C ILE B 255 24.01 -23.22 1.82
N PRO B 256 24.10 -21.91 1.61
CA PRO B 256 24.56 -21.04 2.69
C PRO B 256 23.50 -21.11 3.78
N LYS B 257 23.93 -21.25 5.03
CA LYS B 257 22.97 -21.47 6.11
C LYS B 257 23.29 -20.59 7.31
N LEU B 258 22.25 -20.25 8.07
CA LEU B 258 22.43 -19.47 9.28
C LEU B 258 23.09 -20.35 10.34
N PRO B 259 23.87 -19.73 11.23
CA PRO B 259 24.55 -20.52 12.26
C PRO B 259 23.58 -21.30 13.15
N GLY B 260 23.81 -22.61 13.26
CA GLY B 260 23.01 -23.46 14.13
C GLY B 260 21.57 -23.70 13.73
N VAL B 261 21.25 -23.67 12.44
CA VAL B 261 19.88 -23.92 12.03
C VAL B 261 19.49 -25.39 12.18
N GLU B 262 20.38 -26.29 11.76
CA GLU B 262 20.06 -27.72 11.79
C GLU B 262 19.85 -28.23 13.21
N GLU B 263 20.57 -27.62 14.16
CA GLU B 263 20.42 -27.98 15.56
C GLU B 263 19.05 -27.58 16.03
N TYR B 264 18.62 -26.38 15.65
CA TYR B 264 17.29 -25.88 16.02
C TYR B 264 16.19 -26.69 15.34
N ILE B 265 16.45 -27.17 14.13
CA ILE B 265 15.46 -27.93 13.38
C ILE B 265 15.29 -29.32 13.98
N LYS B 266 16.41 -30.02 14.23
CA LYS B 266 16.36 -31.35 14.82
C LYS B 266 15.90 -31.27 16.28
N LEU B 267 16.08 -30.11 16.90
CA LEU B 267 15.57 -29.86 18.25
C LEU B 267 14.15 -29.30 18.17
N GLY B 268 13.69 -29.05 16.96
CA GLY B 268 12.27 -28.83 16.72
C GLY B 268 11.67 -27.45 16.52
N ALA B 269 12.46 -26.42 16.24
CA ALA B 269 11.79 -25.14 15.98
C ALA B 269 11.67 -24.94 14.47
N VAL B 270 10.51 -25.34 13.97
CA VAL B 270 10.12 -25.26 12.58
C VAL B 270 8.77 -24.53 12.46
N PRO B 271 8.73 -23.38 11.77
CA PRO B 271 7.42 -22.72 11.71
C PRO B 271 6.40 -23.47 10.84
N GLY B 272 5.12 -23.30 11.13
CA GLY B 272 4.04 -23.99 10.41
C GLY B 272 4.00 -23.63 8.94
N GLY B 273 4.58 -22.46 8.63
CA GLY B 273 4.77 -22.05 7.26
C GLY B 273 5.49 -23.08 6.42
N THR B 274 6.44 -23.81 7.02
CA THR B 274 7.20 -24.80 6.28
C THR B 274 6.28 -25.93 5.88
N GLU B 275 5.39 -26.32 6.78
CA GLU B 275 4.38 -27.34 6.50
C GLU B 275 3.48 -26.91 5.36
N ARG B 276 2.99 -25.68 5.43
CA ARG B 276 2.14 -25.16 4.35
C ARG B 276 2.89 -25.25 3.02
N ASN B 277 4.17 -24.91 3.06
CA ASN B 277 5.04 -24.99 1.90
C ASN B 277 5.23 -26.41 1.38
N PHE B 278 5.40 -27.36 2.27
CA PHE B 278 5.54 -28.76 1.87
C PHE B 278 4.25 -29.30 1.26
N ALA B 279 3.10 -28.90 1.81
CA ALA B 279 1.83 -29.30 1.23
C ALA B 279 1.69 -28.72 -0.17
N SER B 280 2.26 -27.53 -0.38
CA SER B 280 2.19 -26.96 -1.73
C SER B 280 3.19 -27.52 -2.75
N TYR B 281 4.47 -27.61 -2.36
CA TYR B 281 5.56 -27.99 -3.26
C TYR B 281 6.18 -29.36 -3.11
N GLY B 282 5.73 -30.11 -2.12
CA GLY B 282 6.39 -31.35 -1.71
C GLY B 282 6.50 -32.41 -2.79
N HIS B 283 5.50 -32.48 -3.66
CA HIS B 283 5.46 -33.49 -4.71
C HIS B 283 6.54 -33.24 -5.77
N LEU B 284 7.03 -31.99 -5.82
CA LEU B 284 8.06 -31.61 -6.80
C LEU B 284 9.46 -31.94 -6.31
N MET B 285 9.53 -32.49 -5.10
CA MET B 285 10.81 -32.78 -4.46
C MET B 285 10.91 -34.27 -4.26
N GLY B 286 12.14 -34.78 -4.26
CA GLY B 286 12.33 -36.18 -3.92
C GLY B 286 11.90 -36.41 -2.48
N GLU B 287 11.67 -37.66 -2.11
CA GLU B 287 11.35 -37.98 -0.72
C GLU B 287 12.61 -37.71 0.09
N MET B 288 12.48 -36.84 1.08
CA MET B 288 13.63 -36.24 1.75
C MET B 288 13.55 -36.40 3.26
N PRO B 289 14.73 -36.51 3.92
CA PRO B 289 14.82 -36.54 5.39
C PRO B 289 14.28 -35.26 6.03
N ARG B 290 13.55 -35.43 7.13
CA ARG B 290 12.75 -34.37 7.74
C ARG B 290 13.47 -33.03 7.95
N GLU B 291 14.68 -33.06 8.51
CA GLU B 291 15.41 -31.82 8.76
C GLU B 291 15.76 -31.07 7.47
N VAL B 292 16.16 -31.83 6.45
CA VAL B 292 16.51 -31.24 5.17
C VAL B 292 15.27 -30.59 4.56
N ARG B 293 14.18 -31.36 4.57
CA ARG B 293 12.88 -30.89 4.13
C ARG B 293 12.46 -29.58 4.83
N ASP B 294 12.57 -29.55 6.15
CA ASP B 294 12.26 -28.35 6.92
C ASP B 294 13.15 -27.18 6.53
N LEU B 295 14.41 -27.45 6.16
CA LEU B 295 15.28 -26.38 5.70
C LEU B 295 14.80 -25.80 4.36
N LEU B 296 14.56 -26.70 3.41
CA LEU B 296 14.14 -26.29 2.07
C LEU B 296 12.77 -25.66 2.01
N CYS B 297 11.90 -26.00 2.97
CA CYS B 297 10.55 -25.46 2.99
C CYS B 297 10.41 -24.25 3.92
N ASP B 298 11.53 -23.86 4.52
CA ASP B 298 11.57 -22.76 5.48
C ASP B 298 11.22 -21.42 4.83
N PRO B 299 10.14 -20.79 5.29
CA PRO B 299 9.80 -19.49 4.71
C PRO B 299 10.90 -18.50 5.06
N GLN B 300 11.32 -17.69 4.10
CA GLN B 300 12.32 -16.68 4.46
C GLN B 300 11.70 -15.29 4.44
N THR B 301 11.42 -14.73 5.60
CA THR B 301 11.01 -13.35 5.59
C THR B 301 12.21 -12.49 5.20
N SER B 302 12.02 -11.69 4.14
CA SER B 302 13.03 -10.76 3.67
C SER B 302 14.30 -11.50 3.34
N GLY B 303 14.14 -12.56 2.54
CA GLY B 303 15.24 -13.39 2.08
C GLY B 303 16.02 -12.69 0.96
N GLY B 304 16.94 -13.43 0.38
CA GLY B 304 17.78 -12.90 -0.69
C GLY B 304 17.28 -13.20 -2.09
N LEU B 305 18.19 -13.05 -3.04
CA LEU B 305 17.84 -13.24 -4.42
C LEU B 305 18.36 -14.59 -4.90
N LEU B 306 17.47 -15.34 -5.56
CA LEU B 306 17.83 -16.51 -6.32
C LEU B 306 18.03 -16.07 -7.76
N LEU B 307 19.17 -16.49 -8.31
CA LEU B 307 19.64 -16.10 -9.62
C LEU B 307 19.88 -17.34 -10.50
N ALA B 308 19.39 -17.26 -11.73
CA ALA B 308 19.64 -18.27 -12.73
C ALA B 308 20.50 -17.63 -13.81
N VAL B 309 21.75 -18.02 -13.78
CA VAL B 309 22.79 -17.40 -14.56
C VAL B 309 23.62 -18.42 -15.29
N MET B 310 24.03 -18.01 -16.45
CA MET B 310 24.74 -18.92 -17.28
C MET B 310 26.19 -18.51 -17.31
N PRO B 311 27.01 -19.32 -17.94
CA PRO B 311 28.44 -19.14 -17.91
C PRO B 311 28.91 -17.83 -18.48
N GLU B 312 28.59 -17.55 -19.71
CA GLU B 312 29.07 -16.35 -20.29
C GLU B 312 29.04 -15.22 -19.29
N ALA B 313 28.66 -15.50 -18.04
CA ALA B 313 28.56 -14.45 -17.06
C ALA B 313 29.02 -14.93 -15.71
N GLU B 314 29.06 -16.22 -15.53
CA GLU B 314 29.42 -16.73 -14.24
C GLU B 314 30.33 -15.75 -13.52
N ASN B 315 31.09 -14.97 -14.25
CA ASN B 315 31.93 -13.98 -13.61
C ASN B 315 31.37 -12.59 -13.80
N GLU B 316 31.08 -12.17 -15.01
CA GLU B 316 30.61 -10.81 -15.02
C GLU B 316 29.76 -10.74 -13.80
N VAL B 317 28.69 -11.50 -13.77
CA VAL B 317 27.92 -11.34 -12.58
C VAL B 317 28.88 -11.27 -11.46
N LYS B 318 29.24 -12.43 -10.93
CA LYS B 318 30.12 -12.51 -9.79
C LYS B 318 30.81 -11.20 -9.49
N ALA B 319 31.44 -10.63 -10.46
CA ALA B 319 31.99 -9.33 -10.20
C ALA B 319 30.97 -8.57 -9.39
N THR B 320 29.87 -8.24 -10.04
CA THR B 320 28.85 -7.41 -9.46
C THR B 320 28.53 -7.76 -8.02
N ALA B 321 28.41 -9.02 -7.73
CA ALA B 321 28.05 -9.40 -6.41
C ALA B 321 29.10 -8.85 -5.51
N ALA B 322 30.33 -8.96 -5.99
CA ALA B 322 31.48 -8.47 -5.24
C ALA B 322 31.40 -6.97 -5.03
N GLU B 323 30.99 -6.24 -6.06
CA GLU B 323 30.85 -4.79 -5.98
C GLU B 323 29.89 -4.37 -4.85
N PHE B 324 28.88 -5.21 -4.62
CA PHE B 324 27.95 -4.99 -3.50
C PHE B 324 28.37 -5.79 -2.27
N GLY B 325 29.43 -6.57 -2.42
CA GLY B 325 29.98 -7.33 -1.31
C GLY B 325 29.17 -8.52 -0.85
N ILE B 326 28.20 -8.96 -1.66
CA ILE B 326 27.38 -10.10 -1.28
C ILE B 326 28.05 -11.43 -1.60
N GLU B 327 28.99 -11.42 -2.53
CA GLU B 327 29.36 -12.59 -3.33
C GLU B 327 29.75 -13.87 -2.58
N LEU B 328 29.10 -15.02 -2.81
CA LEU B 328 27.80 -15.27 -3.48
C LEU B 328 27.73 -16.80 -3.43
N THR B 329 26.56 -17.42 -3.52
CA THR B 329 26.60 -18.88 -3.39
C THR B 329 26.02 -19.70 -4.54
N ALA B 330 26.84 -20.58 -5.12
CA ALA B 330 26.35 -21.53 -6.13
C ALA B 330 25.76 -22.74 -5.42
N ILE B 331 24.47 -22.95 -5.58
CA ILE B 331 23.81 -24.12 -5.00
C ILE B 331 23.48 -25.29 -5.96
N GLY B 332 23.75 -25.12 -7.25
CA GLY B 332 23.38 -26.15 -8.21
C GLY B 332 23.13 -25.63 -9.61
N GLU B 333 22.40 -26.41 -10.41
CA GLU B 333 22.17 -26.02 -11.79
C GLU B 333 20.77 -26.40 -12.28
N LEU B 334 20.47 -25.99 -13.51
CA LEU B 334 19.21 -26.31 -14.17
C LEU B 334 19.44 -27.27 -15.34
N VAL B 335 18.72 -28.39 -15.34
CA VAL B 335 18.87 -29.43 -16.36
C VAL B 335 17.58 -29.62 -17.18
N PRO B 336 17.70 -30.01 -18.46
CA PRO B 336 16.47 -30.22 -19.22
C PRO B 336 15.65 -31.32 -18.57
N ALA B 337 14.33 -31.21 -18.63
CA ALA B 337 13.48 -32.17 -17.93
C ALA B 337 13.69 -33.57 -18.50
N ARG B 338 13.97 -34.51 -17.62
CA ARG B 338 14.11 -35.90 -17.99
C ARG B 338 13.12 -36.70 -17.17
N GLY B 339 12.73 -37.86 -17.68
CA GLY B 339 11.72 -38.68 -17.03
C GLY B 339 12.23 -39.44 -15.83
N GLY B 340 11.34 -39.63 -14.85
CA GLY B 340 11.67 -40.36 -13.63
C GLY B 340 12.46 -39.53 -12.64
N ARG B 341 12.86 -38.34 -13.08
CA ARG B 341 13.67 -37.45 -12.26
C ARG B 341 12.74 -36.40 -11.65
N ALA B 342 13.03 -35.97 -10.42
CA ALA B 342 12.23 -34.94 -9.76
C ALA B 342 12.57 -33.56 -10.32
N MET B 343 11.59 -32.67 -10.36
CA MET B 343 11.78 -31.30 -10.82
C MET B 343 12.88 -30.59 -10.04
N VAL B 344 12.91 -30.81 -8.73
CA VAL B 344 14.04 -30.37 -7.95
C VAL B 344 14.58 -31.51 -7.10
N GLU B 345 15.80 -31.91 -7.39
CA GLU B 345 16.36 -33.02 -6.63
C GLU B 345 17.60 -32.60 -5.95
N ILE B 346 17.77 -33.17 -4.79
CA ILE B 346 18.76 -32.70 -3.82
C ILE B 346 19.87 -33.73 -3.65
N ARG B 347 21.11 -33.27 -3.63
CA ARG B 347 22.27 -34.15 -3.57
C ARG B 347 23.17 -33.78 -2.39
MG MG C . -7.89 12.91 0.80
MG MG D . 8.86 -11.12 -3.23
#